data_6U3U
#
_entry.id   6U3U
#
_cell.length_a   57.178
_cell.length_b   157.022
_cell.length_c   107.407
_cell.angle_alpha   90.000
_cell.angle_beta   94.610
_cell.angle_gamma   90.000
#
_symmetry.space_group_name_H-M   'P 1 21 1'
#
loop_
_entity.id
_entity.type
_entity.pdbx_description
1 polymer 'Shiga toxin 2K subunit A'
2 polymer 'Shiga toxin 2K subunit B'
3 non-polymer '4-(2-HYDROXYETHYL)-1-PIPERAZINE ETHANESULFONIC ACID'
4 non-polymer 1,2-ETHANEDIOL
5 non-polymer 'ZINC ION'
6 water water
#
loop_
_entity_poly.entity_id
_entity_poly.type
_entity_poly.pdbx_seq_one_letter_code
_entity_poly.pdbx_strand_id
1 'polypeptide(L)'
;QEFTIDFSTQQSYVSSLNSIRTAISTPLEHISQGATSVSVINHTPPGSYISVGIRGLDVYQAHFDHLRLIIEQNNLYVAG
FVNTATNTFYRFSDFAHISLPGVTTISMTTDSSYTTLQRVAALERSGMQISRHSLVSSYLALMEFSGNTMTREASRAVLR
FVTVTAQALRFRQIQREFRQALSETAPVYTMTPEDVDLTLNWGRISNVLPEYRGEDGVRVGRISFNNISAILGTVAVILN
CHHQGARSVRAVNEESQPECQITGDRPVIKINNTLWESNTAAAFLNRKSQSLYTTGE
;
B,A
2 'polypeptide(L)' ADCAKGKIEFSKYNENDTFTVKVAGKEYWTNRWNLQPLLQSAQLTGMTVTIKSSTCASGSGFAEVQFNND C,D,E,H,I,F,G,J,K,L
#
# COMPACT_ATOMS: atom_id res chain seq x y z
N GLN A 1 -9.88 46.99 31.13
CA GLN A 1 -8.94 47.71 32.04
C GLN A 1 -7.55 47.78 31.42
N GLU A 2 -6.71 48.66 31.98
CA GLU A 2 -5.37 48.90 31.46
C GLU A 2 -4.33 48.28 32.37
N PHE A 3 -3.33 47.64 31.76
CA PHE A 3 -2.22 47.03 32.49
C PHE A 3 -0.93 47.32 31.73
N THR A 4 0.18 46.92 32.32
CA THR A 4 1.49 47.15 31.73
C THR A 4 2.37 45.92 31.96
N ILE A 5 3.12 45.54 30.93
CA ILE A 5 4.16 44.53 31.05
C ILE A 5 5.49 45.25 30.97
N ASP A 6 6.23 45.26 32.08
CA ASP A 6 7.49 45.97 32.19
C ASP A 6 8.63 44.98 31.97
N PHE A 7 9.31 45.13 30.83
CA PHE A 7 10.41 44.24 30.46
C PHE A 7 11.76 44.73 31.00
N SER A 8 11.76 45.66 31.96
CA SER A 8 13.02 46.19 32.47
C SER A 8 13.93 45.07 32.96
N THR A 9 13.44 44.27 33.92
CA THR A 9 14.21 43.18 34.49
C THR A 9 13.35 41.91 34.49
N GLN A 10 13.97 40.80 34.91
CA GLN A 10 13.22 39.56 35.05
C GLN A 10 12.12 39.69 36.10
N GLN A 11 12.40 40.41 37.19
CA GLN A 11 11.44 40.50 38.28
C GLN A 11 10.28 41.43 37.93
N SER A 12 10.57 42.53 37.21
CA SER A 12 9.48 43.40 36.77
C SER A 12 8.61 42.70 35.74
N TYR A 13 9.21 41.87 34.89
CA TYR A 13 8.44 41.09 33.92
C TYR A 13 7.50 40.12 34.62
N VAL A 14 8.02 39.35 35.57
CA VAL A 14 7.21 38.35 36.25
C VAL A 14 6.09 39.02 37.06
N SER A 15 6.42 40.12 37.74
CA SER A 15 5.41 40.80 38.55
C SER A 15 4.33 41.40 37.66
N SER A 16 4.70 41.89 36.49
CA SER A 16 3.71 42.44 35.56
C SER A 16 2.70 41.37 35.17
N LEU A 17 3.18 40.23 34.69
CA LEU A 17 2.27 39.16 34.29
C LEU A 17 1.42 38.68 35.46
N ASN A 18 2.02 38.54 36.64
CA ASN A 18 1.28 38.07 37.80
C ASN A 18 0.16 39.05 38.16
N SER A 19 0.39 40.35 37.96
CA SER A 19 -0.64 41.34 38.27
C SER A 19 -1.82 41.22 37.30
N ILE A 20 -1.54 40.91 36.04
CA ILE A 20 -2.62 40.68 35.08
C ILE A 20 -3.39 39.41 35.46
N ARG A 21 -2.66 38.33 35.77
CA ARG A 21 -3.30 37.08 36.15
C ARG A 21 -4.21 37.29 37.34
N THR A 22 -3.71 37.94 38.39
CA THR A 22 -4.51 38.15 39.59
C THR A 22 -5.83 38.85 39.26
N ALA A 23 -5.82 39.74 38.27
CA ALA A 23 -7.00 40.56 38.01
C ALA A 23 -8.04 39.85 37.16
N ILE A 24 -7.61 38.99 36.24
CA ILE A 24 -8.52 38.38 35.27
C ILE A 24 -8.84 36.93 35.56
N SER A 25 -8.27 36.36 36.62
CA SER A 25 -8.44 34.92 36.84
C SER A 25 -8.45 34.61 38.33
N THR A 26 -8.88 33.38 38.65
CA THR A 26 -9.05 32.91 40.01
C THR A 26 -8.35 31.56 40.17
N PRO A 27 -7.51 31.39 41.18
CA PRO A 27 -6.78 30.12 41.32
C PRO A 27 -7.71 28.93 41.52
N LEU A 28 -7.24 27.76 41.11
CA LEU A 28 -7.97 26.51 41.33
C LEU A 28 -7.71 26.01 42.75
N GLU A 29 -8.78 25.59 43.42
CA GLU A 29 -8.65 25.13 44.80
C GLU A 29 -7.58 24.05 44.93
N HIS A 30 -7.51 23.14 43.95
CA HIS A 30 -6.72 21.93 44.08
C HIS A 30 -5.39 21.99 43.34
N ILE A 31 -5.05 23.12 42.73
CA ILE A 31 -3.75 23.27 42.10
C ILE A 31 -3.15 24.61 42.46
N SER A 32 -2.71 24.76 43.71
CA SER A 32 -1.98 25.97 44.08
C SER A 32 -1.06 25.65 45.24
N GLN A 33 0.00 26.42 45.34
CA GLN A 33 1.14 26.17 46.23
C GLN A 33 1.72 27.55 46.55
N GLY A 34 1.15 28.21 47.53
CA GLY A 34 1.50 29.59 47.80
C GLY A 34 0.90 30.51 46.75
N ALA A 35 1.70 31.48 46.30
CA ALA A 35 1.24 32.44 45.31
C ALA A 35 1.39 31.92 43.88
N THR A 36 1.68 30.64 43.70
CA THR A 36 1.83 30.03 42.38
C THR A 36 0.67 29.06 42.17
N SER A 37 -0.14 29.30 41.14
CA SER A 37 -1.34 28.52 40.96
C SER A 37 -1.65 28.35 39.48
N VAL A 38 -2.58 27.44 39.20
CA VAL A 38 -3.30 27.39 37.93
C VAL A 38 -4.61 28.12 38.15
N SER A 39 -4.87 29.15 37.35
CA SER A 39 -6.00 30.03 37.56
C SER A 39 -6.95 29.96 36.37
N VAL A 40 -8.24 30.04 36.65
CA VAL A 40 -9.28 30.01 35.63
C VAL A 40 -9.71 31.44 35.32
N ILE A 41 -9.77 31.78 34.05
CA ILE A 41 -10.21 33.11 33.64
C ILE A 41 -11.63 33.34 34.11
N ASN A 42 -11.86 34.46 34.80
CA ASN A 42 -13.21 34.81 35.21
C ASN A 42 -14.03 35.21 33.99
N HIS A 43 -15.29 34.78 33.96
CA HIS A 43 -16.15 35.06 32.81
C HIS A 43 -16.45 36.56 32.76
N THR A 44 -16.23 37.15 31.58
CA THR A 44 -16.56 38.55 31.32
C THR A 44 -17.50 38.62 30.13
N PRO A 45 -18.16 39.75 29.89
CA PRO A 45 -19.09 39.83 28.76
C PRO A 45 -18.36 39.70 27.44
N PRO A 46 -19.00 39.14 26.41
CA PRO A 46 -18.37 39.09 25.09
C PRO A 46 -17.84 40.45 24.68
N GLY A 47 -16.71 40.45 23.98
CA GLY A 47 -16.04 41.68 23.58
C GLY A 47 -15.20 42.32 24.67
N SER A 48 -15.27 41.83 25.90
CA SER A 48 -14.47 42.38 26.96
C SER A 48 -12.98 42.15 26.68
N TYR A 49 -12.16 43.15 27.01
CA TYR A 49 -10.75 43.10 26.65
C TYR A 49 -9.92 43.77 27.74
N ILE A 50 -8.61 43.76 27.53
CA ILE A 50 -7.65 44.51 28.34
C ILE A 50 -6.68 45.20 27.40
N SER A 51 -6.22 46.38 27.78
CA SER A 51 -5.23 47.14 27.02
C SER A 51 -3.92 47.10 27.80
N VAL A 52 -2.92 46.42 27.23
CA VAL A 52 -1.68 46.12 27.94
C VAL A 52 -0.56 46.94 27.32
N GLY A 53 -0.06 47.91 28.08
CA GLY A 53 1.05 48.71 27.61
C GLY A 53 2.36 47.93 27.72
N ILE A 54 3.25 48.18 26.75
CA ILE A 54 4.56 47.56 26.73
C ILE A 54 5.60 48.61 27.09
N ARG A 55 6.56 48.21 27.94
CA ARG A 55 7.49 49.16 28.52
C ARG A 55 8.76 48.42 28.91
N GLY A 56 9.86 49.17 28.97
CA GLY A 56 11.08 48.67 29.59
C GLY A 56 11.95 47.84 28.69
N LEU A 57 11.72 47.88 27.37
CA LEU A 57 12.56 47.10 26.47
C LEU A 57 13.92 47.74 26.29
N ASP A 58 14.00 49.07 26.41
CA ASP A 58 15.28 49.77 26.46
C ASP A 58 15.13 50.89 27.48
N VAL A 59 15.75 50.72 28.65
CA VAL A 59 15.61 51.70 29.72
C VAL A 59 16.32 53.02 29.41
N TYR A 60 17.13 53.05 28.36
CA TYR A 60 17.71 54.29 27.86
C TYR A 60 16.78 55.01 26.88
N GLN A 61 15.46 54.84 27.04
CA GLN A 61 14.51 55.35 26.07
C GLN A 61 13.21 55.68 26.80
N ALA A 62 12.95 56.97 27.00
CA ALA A 62 11.74 57.41 27.68
C ALA A 62 10.51 57.43 26.76
N HIS A 63 10.65 57.06 25.49
CA HIS A 63 9.54 57.11 24.54
C HIS A 63 9.47 55.83 23.73
N PHE A 64 9.91 54.71 24.30
CA PHE A 64 9.70 53.39 23.73
C PHE A 64 8.51 52.68 24.36
N ASP A 65 7.66 53.42 25.09
CA ASP A 65 6.53 52.85 25.82
C ASP A 65 5.20 53.29 25.21
N HIS A 66 5.13 53.36 23.89
CA HIS A 66 3.94 53.82 23.19
C HIS A 66 3.27 52.73 22.37
N LEU A 67 3.68 51.48 22.55
CA LEU A 67 3.01 50.34 21.94
C LEU A 67 2.10 49.70 22.97
N ARG A 68 0.86 49.43 22.59
CA ARG A 68 -0.08 48.69 23.41
C ARG A 68 -0.59 47.50 22.62
N LEU A 69 -1.05 46.47 23.34
CA LEU A 69 -1.69 45.31 22.71
C LEU A 69 -3.05 45.09 23.32
N ILE A 70 -4.06 44.95 22.47
CA ILE A 70 -5.44 44.73 22.89
C ILE A 70 -5.68 43.24 22.94
N ILE A 71 -6.16 42.74 24.09
CA ILE A 71 -6.27 41.31 24.34
C ILE A 71 -7.68 41.05 24.85
N GLU A 72 -8.45 40.28 24.08
CA GLU A 72 -9.77 39.84 24.54
C GLU A 72 -9.63 39.05 25.83
N GLN A 73 -10.48 39.37 26.80
CA GLN A 73 -10.24 38.90 28.17
C GLN A 73 -10.62 37.44 28.36
N ASN A 74 -11.71 36.99 27.76
CA ASN A 74 -12.17 35.62 27.98
C ASN A 74 -11.24 34.58 27.39
N ASN A 75 -10.35 34.97 26.47
CA ASN A 75 -9.56 34.01 25.71
C ASN A 75 -8.09 34.37 25.56
N LEU A 76 -7.67 35.57 25.95
CA LEU A 76 -6.28 35.99 25.84
C LEU A 76 -5.79 36.00 24.39
N TYR A 77 -6.72 36.13 23.44
CA TYR A 77 -6.34 36.34 22.05
C TYR A 77 -5.98 37.81 21.84
N VAL A 78 -4.90 38.05 21.09
CA VAL A 78 -4.49 39.41 20.79
C VAL A 78 -5.34 39.91 19.63
N ALA A 79 -6.19 40.91 19.90
CA ALA A 79 -7.08 41.45 18.88
C ALA A 79 -6.38 42.47 17.98
N GLY A 80 -5.32 43.10 18.46
CA GLY A 80 -4.64 44.11 17.68
C GLY A 80 -3.64 44.86 18.54
N PHE A 81 -3.06 45.90 17.95
CA PHE A 81 -2.05 46.70 18.63
C PHE A 81 -2.32 48.17 18.36
N VAL A 82 -1.95 49.01 19.33
CA VAL A 82 -2.27 50.43 19.33
C VAL A 82 -0.98 51.23 19.35
N ASN A 83 -0.84 52.14 18.39
CA ASN A 83 0.25 53.13 18.37
C ASN A 83 -0.28 54.37 19.07
N THR A 84 0.11 54.57 20.33
CA THR A 84 -0.39 55.71 21.09
C THR A 84 0.22 57.03 20.63
N ALA A 85 1.36 56.98 19.94
CA ALA A 85 1.96 58.21 19.41
C ALA A 85 1.16 58.74 18.23
N THR A 86 0.48 57.87 17.49
CA THR A 86 -0.38 58.27 16.39
C THR A 86 -1.85 57.96 16.67
N ASN A 87 -2.17 57.53 17.88
CA ASN A 87 -3.54 57.20 18.29
C ASN A 87 -4.26 56.40 17.21
N THR A 88 -3.63 55.29 16.81
CA THR A 88 -4.16 54.41 15.78
C THR A 88 -4.19 52.99 16.29
N PHE A 89 -5.35 52.35 16.18
CA PHE A 89 -5.56 50.97 16.63
C PHE A 89 -5.69 50.08 15.40
N TYR A 90 -4.64 49.29 15.13
CA TYR A 90 -4.67 48.31 14.04
C TYR A 90 -5.29 47.02 14.57
N ARG A 91 -6.40 46.62 13.96
CA ARG A 91 -7.25 45.55 14.47
C ARG A 91 -7.33 44.42 13.45
N PHE A 92 -7.14 43.19 13.93
CA PHE A 92 -7.24 42.02 13.08
C PHE A 92 -8.68 41.81 12.63
N SER A 93 -8.84 41.06 11.53
CA SER A 93 -10.13 40.99 10.86
C SER A 93 -11.13 40.16 11.66
N ASP A 94 -10.67 39.22 12.48
CA ASP A 94 -11.59 38.40 13.25
C ASP A 94 -12.02 39.05 14.56
N PHE A 95 -11.77 40.35 14.73
CA PHE A 95 -12.08 41.03 15.98
C PHE A 95 -12.89 42.31 15.73
N ALA A 96 -13.73 42.32 14.69
CA ALA A 96 -14.58 43.47 14.43
C ALA A 96 -15.45 43.83 15.64
N HIS A 97 -15.65 42.89 16.57
CA HIS A 97 -16.48 43.12 17.73
C HIS A 97 -15.77 43.83 18.86
N ILE A 98 -14.48 44.17 18.69
CA ILE A 98 -13.69 44.84 19.71
C ILE A 98 -13.54 46.29 19.28
N SER A 99 -14.13 47.21 20.06
CA SER A 99 -14.10 48.62 19.75
C SER A 99 -13.55 49.42 20.91
N LEU A 100 -12.73 50.42 20.58
CA LEU A 100 -12.01 51.26 21.52
C LEU A 100 -12.49 52.70 21.41
N PRO A 101 -12.96 53.33 22.49
CA PRO A 101 -13.36 54.74 22.37
C PRO A 101 -12.16 55.66 22.13
N GLY A 102 -12.38 56.65 21.27
CA GLY A 102 -11.43 57.73 21.09
C GLY A 102 -10.13 57.38 20.41
N VAL A 103 -10.06 56.23 19.75
CA VAL A 103 -8.85 55.81 19.04
C VAL A 103 -9.22 55.47 17.61
N THR A 104 -8.40 55.95 16.67
CA THR A 104 -8.63 55.72 15.24
C THR A 104 -8.46 54.23 14.96
N THR A 105 -9.58 53.55 14.75
CA THR A 105 -9.57 52.11 14.50
C THR A 105 -9.41 51.84 13.01
N ILE A 106 -8.42 50.99 12.68
CA ILE A 106 -8.11 50.57 11.32
C ILE A 106 -8.39 49.07 11.21
N SER A 107 -9.34 48.70 10.38
CA SER A 107 -9.69 47.28 10.21
C SER A 107 -8.82 46.67 9.11
N MET A 108 -8.07 45.64 9.48
CA MET A 108 -7.05 45.05 8.62
C MET A 108 -7.61 43.84 7.87
N THR A 109 -6.90 43.46 6.80
CA THR A 109 -7.44 42.49 5.86
C THR A 109 -7.33 41.06 6.38
N THR A 110 -6.25 40.74 7.07
CA THR A 110 -5.97 39.37 7.49
C THR A 110 -6.29 39.18 8.97
N ASP A 111 -6.26 37.92 9.40
CA ASP A 111 -6.72 37.51 10.72
C ASP A 111 -5.53 37.28 11.65
N SER A 112 -5.84 36.96 12.90
CA SER A 112 -4.86 36.90 13.98
C SER A 112 -4.28 35.51 14.19
N SER A 113 -4.72 34.51 13.45
CA SER A 113 -4.29 33.14 13.71
C SER A 113 -2.80 32.98 13.44
N TYR A 114 -2.18 32.02 14.14
CA TYR A 114 -0.76 31.75 13.93
C TYR A 114 -0.51 31.18 12.54
N THR A 115 -1.48 30.47 11.96
CA THR A 115 -1.31 29.98 10.61
C THR A 115 -1.14 31.13 9.63
N THR A 116 -2.02 32.13 9.71
CA THR A 116 -1.90 33.30 8.84
C THR A 116 -0.60 34.04 9.12
N LEU A 117 -0.28 34.25 10.41
CA LEU A 117 0.89 35.06 10.75
C LEU A 117 2.19 34.39 10.34
N GLN A 118 2.30 33.08 10.58
CA GLN A 118 3.52 32.36 10.20
C GLN A 118 3.74 32.43 8.70
N ARG A 119 2.67 32.27 7.92
CA ARG A 119 2.80 32.29 6.46
C ARG A 119 3.33 33.64 5.98
N VAL A 120 2.69 34.73 6.43
CA VAL A 120 3.13 36.06 6.01
C VAL A 120 4.51 36.36 6.58
N ALA A 121 4.78 35.90 7.79
CA ALA A 121 6.06 36.21 8.43
C ALA A 121 7.21 35.38 7.88
N ALA A 122 6.93 34.31 7.14
CA ALA A 122 7.96 33.36 6.73
C ALA A 122 8.79 32.95 7.93
N LEU A 123 8.11 32.54 9.00
CA LEU A 123 8.76 32.21 10.26
C LEU A 123 7.84 31.31 11.06
N GLU A 124 8.34 30.14 11.45
CA GLU A 124 7.59 29.19 12.25
C GLU A 124 7.86 29.42 13.73
N ARG A 125 6.82 29.32 14.54
CA ARG A 125 6.98 29.51 15.98
C ARG A 125 7.98 28.52 16.55
N SER A 126 7.96 27.28 16.07
CA SER A 126 8.91 26.27 16.51
C SER A 126 10.31 26.65 16.04
N GLY A 127 11.20 26.91 16.98
CA GLY A 127 12.55 27.34 16.66
C GLY A 127 12.73 28.85 16.58
N MET A 128 11.63 29.60 16.56
CA MET A 128 11.73 31.06 16.52
C MET A 128 12.49 31.58 17.74
N GLN A 129 13.32 32.60 17.51
CA GLN A 129 14.16 33.16 18.55
C GLN A 129 13.66 34.54 18.95
N ILE A 130 13.81 34.85 20.25
CA ILE A 130 13.36 36.11 20.81
C ILE A 130 14.41 36.56 21.82
N SER A 131 14.94 37.76 21.63
CA SER A 131 15.86 38.39 22.56
C SER A 131 15.31 39.76 22.93
N ARG A 132 15.94 40.39 23.92
CA ARG A 132 15.62 41.80 24.17
C ARG A 132 15.82 42.62 22.90
N HIS A 133 16.89 42.33 22.15
CA HIS A 133 17.16 43.06 20.92
C HIS A 133 16.05 42.85 19.91
N SER A 134 15.69 41.59 19.64
CA SER A 134 14.67 41.32 18.63
C SER A 134 13.29 41.78 19.08
N LEU A 135 13.06 41.90 20.39
CA LEU A 135 11.80 42.49 20.85
C LEU A 135 11.79 43.99 20.59
N VAL A 136 12.94 44.65 20.73
CA VAL A 136 13.02 46.07 20.41
C VAL A 136 12.70 46.28 18.93
N SER A 137 13.35 45.50 18.06
CA SER A 137 13.05 45.60 16.64
C SER A 137 11.60 45.25 16.35
N SER A 138 11.02 44.31 17.11
CA SER A 138 9.60 44.04 17.00
C SER A 138 8.78 45.28 17.37
N TYR A 139 9.17 45.97 18.45
CA TYR A 139 8.48 47.21 18.81
C TYR A 139 8.63 48.25 17.71
N LEU A 140 9.84 48.42 17.19
CA LEU A 140 10.07 49.34 16.09
C LEU A 140 9.17 48.99 14.90
N ALA A 141 9.14 47.71 14.53
CA ALA A 141 8.39 47.30 13.35
C ALA A 141 6.91 47.64 13.47
N LEU A 142 6.32 47.40 14.63
CA LEU A 142 4.90 47.71 14.81
C LEU A 142 4.64 49.20 14.85
N MET A 143 5.52 50.00 15.46
CA MET A 143 5.31 51.45 15.53
C MET A 143 5.53 52.09 14.17
N GLU A 144 6.37 51.49 13.32
CA GLU A 144 6.59 51.96 11.95
C GLU A 144 5.57 51.39 10.97
N PHE A 145 4.52 50.73 11.46
CA PHE A 145 3.54 50.11 10.58
C PHE A 145 2.44 51.09 10.20
N SER A 146 1.96 50.95 8.97
CA SER A 146 0.87 51.77 8.45
C SER A 146 0.08 50.94 7.45
N GLY A 147 -1.17 51.30 7.26
CA GLY A 147 -2.03 50.64 6.32
C GLY A 147 -3.01 49.67 6.96
N ASN A 148 -3.58 48.80 6.12
CA ASN A 148 -4.54 47.81 6.58
C ASN A 148 -4.15 46.39 6.15
N THR A 149 -2.95 46.21 5.62
CA THR A 149 -2.46 44.90 5.18
C THR A 149 -1.20 44.58 5.97
N MET A 150 -1.26 43.55 6.80
CA MET A 150 -0.09 43.15 7.57
C MET A 150 1.06 42.80 6.63
N THR A 151 2.27 43.11 7.06
CA THR A 151 3.48 42.81 6.31
C THR A 151 4.25 41.68 6.97
N ARG A 152 5.30 41.22 6.30
CA ARG A 152 6.17 40.22 6.90
C ARG A 152 6.76 40.71 8.21
N GLU A 153 7.28 41.94 8.22
CA GLU A 153 7.98 42.43 9.39
C GLU A 153 7.02 42.69 10.55
N ALA A 154 5.80 43.17 10.26
CA ALA A 154 4.83 43.36 11.33
C ALA A 154 4.32 42.02 11.86
N SER A 155 4.21 41.02 10.99
CA SER A 155 3.75 39.70 11.44
C SER A 155 4.78 39.02 12.33
N ARG A 156 6.06 39.18 11.99
CA ARG A 156 7.11 38.64 12.87
C ARG A 156 7.06 39.30 14.24
N ALA A 157 6.79 40.61 14.28
CA ALA A 157 6.70 41.31 15.56
C ALA A 157 5.53 40.77 16.38
N VAL A 158 4.37 40.56 15.76
CA VAL A 158 3.21 40.07 16.49
C VAL A 158 3.50 38.69 17.07
N LEU A 159 4.10 37.81 16.25
CA LEU A 159 4.39 36.45 16.73
C LEU A 159 5.29 36.48 17.95
N ARG A 160 6.27 37.39 17.97
CA ARG A 160 7.17 37.46 19.13
C ARG A 160 6.45 38.03 20.34
N PHE A 161 5.63 39.06 20.15
CA PHE A 161 4.96 39.69 21.29
C PHE A 161 3.86 38.80 21.84
N VAL A 162 3.20 38.00 20.98
CA VAL A 162 2.16 37.10 21.48
C VAL A 162 2.77 36.05 22.41
N THR A 163 3.94 35.53 22.05
CA THR A 163 4.58 34.51 22.88
C THR A 163 4.95 35.07 24.24
N VAL A 164 5.57 36.25 24.28
CA VAL A 164 6.07 36.77 25.55
C VAL A 164 5.01 37.50 26.35
N THR A 165 3.82 37.70 25.79
CA THR A 165 2.73 38.31 26.55
C THR A 165 1.63 37.30 26.83
N ALA A 166 0.80 37.02 25.82
CA ALA A 166 -0.35 36.15 26.04
C ALA A 166 0.07 34.71 26.35
N GLN A 167 1.00 34.14 25.58
CA GLN A 167 1.41 32.76 25.83
C GLN A 167 2.15 32.64 27.16
N ALA A 168 2.95 33.64 27.50
CA ALA A 168 3.63 33.65 28.80
C ALA A 168 2.62 33.75 29.92
N LEU A 169 1.55 34.53 29.71
CA LEU A 169 0.49 34.60 30.71
C LEU A 169 -0.14 33.24 30.95
N ARG A 170 -0.37 32.48 29.87
CA ARG A 170 -0.99 31.17 30.02
C ARG A 170 -0.04 30.18 30.68
N PHE A 171 1.23 30.18 30.25
CA PHE A 171 2.16 29.09 30.58
C PHE A 171 3.35 29.63 31.34
N ARG A 172 3.42 29.26 32.63
CA ARG A 172 4.57 29.61 33.46
C ARG A 172 5.87 29.07 32.87
N GLN A 173 5.79 27.98 32.09
CA GLN A 173 6.99 27.44 31.46
C GLN A 173 7.56 28.42 30.44
N ILE A 174 6.70 29.12 29.70
CA ILE A 174 7.18 30.09 28.72
C ILE A 174 7.68 31.35 29.41
N GLN A 175 7.00 31.76 30.48
CA GLN A 175 7.49 32.88 31.28
C GLN A 175 8.89 32.58 31.81
N ARG A 176 9.07 31.41 32.42
CA ARG A 176 10.34 31.09 33.05
C ARG A 176 11.46 30.96 32.02
N GLU A 177 11.19 30.30 30.89
CA GLU A 177 12.23 30.11 29.88
C GLU A 177 12.60 31.43 29.22
N PHE A 178 11.61 32.31 29.00
CA PHE A 178 11.90 33.52 28.25
C PHE A 178 12.59 34.57 29.09
N ARG A 179 12.23 34.68 30.37
CA ARG A 179 12.72 35.79 31.18
C ARG A 179 14.24 35.82 31.27
N GLN A 180 14.91 34.72 30.94
CA GLN A 180 16.37 34.73 30.96
C GLN A 180 16.95 35.69 29.94
N ALA A 181 16.20 36.04 28.89
CA ALA A 181 16.67 36.99 27.89
C ALA A 181 16.67 38.43 28.39
N LEU A 182 16.01 38.70 29.51
CA LEU A 182 16.02 40.02 30.12
C LEU A 182 17.22 40.22 31.05
N SER A 183 18.14 39.26 31.08
CA SER A 183 19.36 39.40 31.86
C SER A 183 20.28 40.44 31.22
N GLU A 184 21.31 40.83 31.97
CA GLU A 184 22.38 41.63 31.39
C GLU A 184 23.22 40.79 30.44
N THR A 185 23.26 39.47 30.66
CA THR A 185 23.89 38.58 29.69
C THR A 185 23.23 38.69 28.32
N ALA A 186 21.95 39.05 28.28
CA ALA A 186 21.20 39.20 27.04
C ALA A 186 21.28 37.92 26.20
N PRO A 187 20.87 36.77 26.72
CA PRO A 187 20.81 35.55 25.92
C PRO A 187 19.58 35.57 25.01
N VAL A 188 19.45 34.54 24.19
CA VAL A 188 18.37 34.41 23.23
C VAL A 188 17.47 33.26 23.66
N TYR A 189 16.17 33.54 23.77
CA TYR A 189 15.16 32.53 24.05
C TYR A 189 14.70 31.90 22.74
N THR A 190 14.70 30.58 22.68
CA THR A 190 14.19 29.84 21.54
C THR A 190 12.91 29.11 21.95
N MET A 191 11.84 29.32 21.19
CA MET A 191 10.57 28.66 21.49
C MET A 191 10.65 27.22 20.99
N THR A 192 10.67 26.27 21.92
CA THR A 192 10.88 24.87 21.61
C THR A 192 9.62 24.24 21.01
N PRO A 193 9.78 23.10 20.33
CA PRO A 193 8.59 22.31 19.97
C PRO A 193 7.68 22.03 21.17
N GLU A 194 8.27 21.82 22.36
CA GLU A 194 7.44 21.62 23.55
CA GLU A 194 7.44 21.62 23.55
C GLU A 194 6.63 22.87 23.88
N ASP A 195 7.26 24.04 23.79
CA ASP A 195 6.54 25.28 24.06
C ASP A 195 5.35 25.43 23.12
N VAL A 196 5.58 25.19 21.82
CA VAL A 196 4.51 25.31 20.83
C VAL A 196 3.40 24.30 21.13
N ASP A 197 3.78 23.05 21.39
CA ASP A 197 2.77 22.02 21.63
C ASP A 197 1.91 22.36 22.85
N LEU A 198 2.46 23.08 23.82
CA LEU A 198 1.65 23.52 24.95
C LEU A 198 0.56 24.47 24.49
N THR A 199 0.89 25.42 23.60
CA THR A 199 -0.11 26.38 23.15
C THR A 199 -1.17 25.72 22.28
N LEU A 200 -0.82 24.63 21.59
CA LEU A 200 -1.80 23.91 20.77
C LEU A 200 -2.74 23.05 21.61
N ASN A 201 -2.42 22.81 22.88
CA ASN A 201 -3.24 22.02 23.76
C ASN A 201 -3.87 22.84 24.89
N TRP A 202 -3.83 24.17 24.78
CA TRP A 202 -4.29 25.01 25.88
C TRP A 202 -5.74 24.75 26.22
N GLY A 203 -6.60 24.70 25.21
CA GLY A 203 -8.00 24.41 25.46
C GLY A 203 -8.22 23.01 26.00
N ARG A 204 -7.45 22.05 25.52
CA ARG A 204 -7.57 20.67 26.02
C ARG A 204 -7.11 20.58 27.46
N ILE A 205 -6.01 21.25 27.81
CA ILE A 205 -5.58 21.30 29.20
C ILE A 205 -6.61 21.99 30.06
N SER A 206 -7.23 23.06 29.53
CA SER A 206 -8.20 23.82 30.31
C SER A 206 -9.42 22.98 30.66
N ASN A 207 -9.77 22.02 29.82
CA ASN A 207 -10.93 21.18 30.06
C ASN A 207 -10.65 20.05 31.05
N VAL A 208 -9.38 19.70 31.24
CA VAL A 208 -8.99 18.58 32.09
C VAL A 208 -8.64 19.03 33.50
N LEU A 209 -7.84 20.09 33.62
CA LEU A 209 -7.31 20.44 34.94
C LEU A 209 -8.36 20.77 35.98
N PRO A 210 -9.53 21.33 35.65
CA PRO A 210 -10.54 21.57 36.70
C PRO A 210 -10.97 20.31 37.43
N GLU A 211 -10.78 19.14 36.82
CA GLU A 211 -11.17 17.87 37.43
C GLU A 211 -10.08 17.27 38.29
N TYR A 212 -8.92 17.91 38.38
CA TYR A 212 -7.80 17.34 39.11
C TYR A 212 -8.07 17.34 40.61
N ARG A 213 -7.80 16.21 41.26
CA ARG A 213 -8.03 16.07 42.69
C ARG A 213 -6.89 15.28 43.33
N GLY A 214 -5.65 15.72 43.06
CA GLY A 214 -4.50 15.15 43.74
C GLY A 214 -3.94 13.89 43.14
N GLU A 215 -4.30 13.55 41.91
CA GLU A 215 -3.79 12.34 41.28
C GLU A 215 -2.29 12.46 41.02
N ASP A 216 -1.63 11.31 40.91
CA ASP A 216 -0.18 11.31 40.73
C ASP A 216 0.22 12.06 39.46
N GLY A 217 -0.59 11.97 38.41
CA GLY A 217 -0.23 12.56 37.14
C GLY A 217 -1.42 12.94 36.30
N VAL A 218 -1.13 13.62 35.20
CA VAL A 218 -2.14 14.08 34.24
C VAL A 218 -1.59 13.86 32.84
N ARG A 219 -2.42 13.31 31.95
CA ARG A 219 -2.05 13.07 30.56
C ARG A 219 -3.08 13.73 29.66
N VAL A 220 -2.63 14.61 28.78
CA VAL A 220 -3.48 15.33 27.85
C VAL A 220 -2.82 15.25 26.48
N GLY A 221 -3.29 14.34 25.65
CA GLY A 221 -2.68 14.17 24.33
C GLY A 221 -1.20 13.89 24.47
N ARG A 222 -0.39 14.74 23.83
CA ARG A 222 1.06 14.59 23.86
C ARG A 222 1.69 15.20 25.12
N ILE A 223 0.89 15.82 26.00
CA ILE A 223 1.40 16.49 27.19
C ILE A 223 1.40 15.53 28.35
N SER A 224 2.45 15.59 29.18
CA SER A 224 2.54 14.78 30.39
C SER A 224 2.97 15.65 31.56
N PHE A 225 2.14 15.70 32.59
CA PHE A 225 2.50 16.27 33.89
C PHE A 225 2.67 15.09 34.85
N ASN A 226 3.91 14.77 35.21
CA ASN A 226 4.20 13.56 35.97
C ASN A 226 4.05 13.74 37.48
N ASN A 227 3.90 14.98 37.96
CA ASN A 227 3.50 15.23 39.34
C ASN A 227 2.85 16.61 39.37
N ILE A 228 2.30 16.96 40.52
CA ILE A 228 1.56 18.21 40.62
C ILE A 228 2.47 19.42 40.42
N SER A 229 3.72 19.33 40.88
CA SER A 229 4.64 20.46 40.70
C SER A 229 4.95 20.68 39.21
N ALA A 230 4.90 19.62 38.41
CA ALA A 230 5.06 19.79 36.96
C ALA A 230 3.90 20.57 36.37
N ILE A 231 2.71 20.43 36.95
CA ILE A 231 1.55 21.19 36.49
C ILE A 231 1.77 22.68 36.75
N LEU A 232 2.08 23.03 37.99
CA LEU A 232 2.25 24.43 38.36
C LEU A 232 3.41 25.06 37.63
N GLY A 233 4.49 24.30 37.41
CA GLY A 233 5.63 24.82 36.69
C GLY A 233 5.38 25.04 35.21
N THR A 234 4.33 24.43 34.67
CA THR A 234 4.00 24.56 33.25
C THR A 234 2.85 25.53 32.99
N VAL A 235 1.78 25.44 33.77
CA VAL A 235 0.50 26.08 33.45
C VAL A 235 0.20 27.13 34.51
N ALA A 236 -0.17 28.33 34.06
CA ALA A 236 -0.54 29.42 34.95
C ALA A 236 -1.99 29.84 34.82
N VAL A 237 -2.53 29.91 33.60
CA VAL A 237 -3.89 30.39 33.36
C VAL A 237 -4.56 29.51 32.32
N ILE A 238 -5.82 29.15 32.58
CA ILE A 238 -6.59 28.30 31.67
C ILE A 238 -7.92 28.95 31.38
N LEU A 239 -8.53 28.52 30.28
CA LEU A 239 -9.86 28.97 29.91
C LEU A 239 -10.89 28.53 30.94
N ASN A 240 -12.07 29.15 30.86
CA ASN A 240 -13.21 28.79 31.70
C ASN A 240 -14.12 27.85 30.91
N CYS A 241 -14.10 26.57 31.26
CA CYS A 241 -14.91 25.55 30.58
C CYS A 241 -16.07 25.20 31.49
N HIS A 242 -17.28 25.66 31.13
CA HIS A 242 -18.50 25.44 31.91
C HIS A 242 -18.63 26.49 33.00
N GLN A 257 -16.56 28.41 26.48
CA GLN A 257 -15.65 28.74 25.39
C GLN A 257 -15.52 27.56 24.43
N PRO A 258 -15.60 27.82 23.11
CA PRO A 258 -15.63 26.71 22.15
C PRO A 258 -14.37 25.87 22.13
N GLU A 259 -13.21 26.42 22.52
CA GLU A 259 -11.96 25.70 22.43
C GLU A 259 -11.79 24.66 23.54
N CYS A 260 -12.77 24.52 24.43
CA CYS A 260 -12.65 23.59 25.54
C CYS A 260 -12.97 22.16 25.15
N GLN A 261 -13.70 21.95 24.06
CA GLN A 261 -14.21 20.63 23.70
C GLN A 261 -13.88 20.34 22.24
N ILE A 262 -13.41 19.12 21.99
CA ILE A 262 -13.23 18.60 20.65
C ILE A 262 -14.44 17.77 20.22
N THR A 263 -14.87 16.87 21.09
CA THR A 263 -15.94 15.92 20.80
C THR A 263 -16.24 15.18 22.10
N GLY A 264 -17.43 14.60 22.17
CA GLY A 264 -17.83 13.91 23.38
C GLY A 264 -18.18 14.87 24.50
N ASP A 265 -18.32 14.30 25.71
CA ASP A 265 -18.73 15.10 26.86
C ASP A 265 -18.15 14.60 28.18
N ARG A 266 -17.10 13.78 28.15
CA ARG A 266 -16.46 13.26 29.36
C ARG A 266 -15.08 13.88 29.48
N PRO A 267 -14.87 14.86 30.38
CA PRO A 267 -13.57 15.54 30.40
C PRO A 267 -12.40 14.61 30.65
N VAL A 268 -12.50 13.68 31.60
CA VAL A 268 -11.36 12.88 32.02
C VAL A 268 -11.77 11.45 32.31
N ILE A 269 -10.76 10.56 32.26
CA ILE A 269 -10.85 9.21 32.78
C ILE A 269 -9.67 9.01 33.71
N LYS A 270 -9.96 8.63 34.95
CA LYS A 270 -8.91 8.28 35.91
C LYS A 270 -8.49 6.83 35.68
N ILE A 271 -7.21 6.63 35.39
CA ILE A 271 -6.64 5.31 35.12
C ILE A 271 -5.37 5.19 35.95
N ASN A 272 -5.42 4.37 37.00
CA ASN A 272 -4.25 4.11 37.84
C ASN A 272 -3.69 5.40 38.44
N ASN A 273 -4.57 6.18 39.06
CA ASN A 273 -4.19 7.44 39.71
C ASN A 273 -3.49 8.39 38.74
N THR A 274 -3.81 8.27 37.45
CA THR A 274 -3.44 9.27 36.46
C THR A 274 -4.72 9.77 35.81
N LEU A 275 -4.85 11.09 35.67
CA LEU A 275 -6.02 11.68 35.04
C LEU A 275 -5.74 11.86 33.54
N TRP A 276 -6.52 11.16 32.72
CA TRP A 276 -6.36 11.20 31.28
C TRP A 276 -7.46 12.06 30.64
N GLU A 277 -7.09 12.85 29.65
CA GLU A 277 -8.10 13.37 28.72
C GLU A 277 -8.78 12.18 28.06
N SER A 278 -10.10 12.06 28.27
CA SER A 278 -10.80 10.86 27.81
C SER A 278 -10.61 10.66 26.31
N ASN A 279 -10.63 11.74 25.53
CA ASN A 279 -10.48 11.60 24.08
C ASN A 279 -9.13 11.03 23.70
N THR A 280 -8.10 11.25 24.51
CA THR A 280 -6.80 10.65 24.24
C THR A 280 -6.86 9.13 24.43
N ALA A 281 -7.43 8.69 25.56
CA ALA A 281 -7.59 7.26 25.78
C ALA A 281 -8.42 6.62 24.68
N ALA A 282 -9.55 7.24 24.35
CA ALA A 282 -10.40 6.70 23.28
C ALA A 282 -9.62 6.55 21.99
N ALA A 283 -8.64 7.42 21.75
CA ALA A 283 -7.94 7.45 20.47
C ALA A 283 -6.89 6.35 20.31
N PHE A 284 -6.47 5.69 21.40
CA PHE A 284 -5.63 4.50 21.28
C PHE A 284 -6.31 3.24 21.79
N LEU A 285 -7.57 3.31 22.21
CA LEU A 285 -8.34 2.15 22.61
C LEU A 285 -9.28 1.65 21.51
N ASN A 286 -9.34 2.36 20.38
CA ASN A 286 -10.21 2.00 19.26
C ASN A 286 -9.51 1.10 18.26
N ARG A 287 -8.49 0.36 18.69
CA ARG A 287 -7.73 -0.49 17.81
C ARG A 287 -8.37 -1.86 17.73
N LYS A 288 -8.68 -2.29 16.51
CA LYS A 288 -9.27 -3.61 16.34
C LYS A 288 -8.23 -4.70 16.64
N SER A 289 -8.73 -5.92 16.78
CA SER A 289 -7.85 -7.09 16.85
C SER A 289 -6.84 -7.03 15.69
N GLN A 290 -5.56 -7.01 15.99
CA GLN A 290 -4.61 -6.98 14.88
C GLN A 290 -4.75 -8.17 13.95
N SER A 291 -5.30 -9.26 14.46
CA SER A 291 -5.76 -10.39 13.67
C SER A 291 -6.34 -9.97 12.32
N LEU A 292 -7.15 -8.90 12.29
CA LEU A 292 -7.92 -8.59 11.10
C LEU A 292 -7.15 -7.78 10.05
N TYR A 293 -5.86 -7.55 10.25
CA TYR A 293 -5.04 -6.86 9.25
C TYR A 293 -4.70 -7.88 8.17
N THR A 294 -5.60 -8.01 7.20
CA THR A 294 -5.61 -9.12 6.25
C THR A 294 -6.10 -8.61 4.90
N THR A 295 -5.79 -9.38 3.85
CA THR A 295 -6.34 -9.13 2.53
C THR A 295 -6.65 -10.44 1.82
N GLY A 296 -7.81 -10.48 1.16
CA GLY A 296 -8.08 -11.48 0.14
C GLY A 296 -8.15 -12.94 0.55
N GLU A 297 -7.97 -13.24 1.82
CA GLU A 297 -8.02 -14.62 2.27
C GLU A 297 -9.40 -15.22 2.01
N ALA B 1 -2.56 16.29 -5.15
CA ALA B 1 -2.87 17.69 -4.73
C ALA B 1 -3.48 17.72 -3.34
N ASP B 2 -3.11 18.72 -2.55
CA ASP B 2 -3.73 18.92 -1.24
C ASP B 2 -5.18 19.35 -1.44
N CYS B 3 -6.12 18.43 -1.19
CA CYS B 3 -7.53 18.73 -1.42
C CYS B 3 -8.10 19.61 -0.31
N ALA B 4 -7.85 19.23 0.94
CA ALA B 4 -8.45 19.90 2.09
C ALA B 4 -7.52 19.77 3.28
N LYS B 5 -7.51 20.80 4.11
CA LYS B 5 -6.67 20.84 5.30
C LYS B 5 -7.48 21.41 6.46
N GLY B 6 -7.50 20.70 7.56
CA GLY B 6 -8.28 21.10 8.71
C GLY B 6 -8.62 19.90 9.56
N LYS B 7 -9.38 20.16 10.61
CA LYS B 7 -9.77 19.11 11.53
C LYS B 7 -11.06 18.45 11.05
N ILE B 8 -11.28 17.23 11.53
CA ILE B 8 -12.39 16.41 11.10
C ILE B 8 -13.67 16.92 11.76
N GLU B 9 -14.62 17.37 10.93
CA GLU B 9 -15.89 17.87 11.47
C GLU B 9 -16.81 16.72 11.85
N PHE B 10 -16.93 15.71 10.99
CA PHE B 10 -17.52 14.44 11.38
C PHE B 10 -16.84 13.34 10.57
N SER B 11 -17.07 12.10 11.01
CA SER B 11 -16.68 10.91 10.27
C SER B 11 -17.91 10.02 10.14
N LYS B 12 -17.84 9.06 9.22
CA LYS B 12 -19.01 8.23 8.94
C LYS B 12 -18.57 6.90 8.36
N TYR B 13 -18.96 5.81 9.01
CA TYR B 13 -18.86 4.49 8.43
C TYR B 13 -20.04 4.30 7.48
N ASN B 14 -19.77 3.89 6.25
CA ASN B 14 -20.78 3.77 5.22
C ASN B 14 -21.14 2.30 4.99
N GLU B 15 -22.32 2.09 4.43
CA GLU B 15 -22.84 0.73 4.28
C GLU B 15 -21.96 -0.11 3.36
N ASN B 16 -21.25 0.52 2.42
CA ASN B 16 -20.34 -0.21 1.55
C ASN B 16 -18.96 -0.43 2.19
N ASP B 17 -18.84 -0.18 3.50
CA ASP B 17 -17.63 -0.41 4.26
C ASP B 17 -16.51 0.57 3.94
N THR B 18 -16.84 1.69 3.31
CA THR B 18 -15.92 2.81 3.19
C THR B 18 -16.15 3.78 4.35
N PHE B 19 -15.27 4.77 4.44
CA PHE B 19 -15.23 5.69 5.58
C PHE B 19 -15.11 7.11 5.08
N THR B 20 -16.04 7.96 5.51
CA THR B 20 -16.13 9.34 5.07
C THR B 20 -15.74 10.29 6.19
N VAL B 21 -14.98 11.33 5.84
CA VAL B 21 -14.65 12.42 6.74
C VAL B 21 -15.00 13.73 6.04
N LYS B 22 -15.46 14.71 6.81
CA LYS B 22 -15.64 16.06 6.29
C LYS B 22 -14.54 16.94 6.87
N VAL B 23 -13.72 17.52 5.97
CA VAL B 23 -12.62 18.39 6.35
C VAL B 23 -12.76 19.68 5.55
N ALA B 24 -12.67 20.81 6.25
CA ALA B 24 -12.77 22.13 5.62
C ALA B 24 -13.99 22.22 4.71
N GLY B 25 -15.14 21.80 5.25
CA GLY B 25 -16.42 22.00 4.60
C GLY B 25 -16.73 21.08 3.44
N LYS B 26 -15.88 20.09 3.16
CA LYS B 26 -16.12 19.16 2.07
C LYS B 26 -15.92 17.73 2.56
N GLU B 27 -16.60 16.80 1.91
CA GLU B 27 -16.60 15.40 2.30
C GLU B 27 -15.70 14.59 1.38
N TYR B 28 -14.98 13.64 1.97
CA TYR B 28 -14.10 12.74 1.24
C TYR B 28 -14.20 11.35 1.87
N TRP B 29 -14.24 10.33 1.02
CA TRP B 29 -14.35 8.94 1.47
C TRP B 29 -13.10 8.17 1.06
N THR B 30 -12.83 7.08 1.77
CA THR B 30 -11.71 6.22 1.42
C THR B 30 -12.09 4.75 1.56
N ASN B 31 -11.32 3.91 0.89
CA ASN B 31 -11.54 2.48 0.78
C ASN B 31 -10.66 1.67 1.71
N ARG B 32 -9.62 2.27 2.27
CA ARG B 32 -8.65 1.55 3.08
C ARG B 32 -9.21 1.37 4.48
N TRP B 33 -9.52 0.12 4.84
CA TRP B 33 -10.03 -0.15 6.18
C TRP B 33 -9.03 0.22 7.26
N ASN B 34 -7.74 0.26 6.93
CA ASN B 34 -6.75 0.65 7.93
C ASN B 34 -6.93 2.09 8.38
N LEU B 35 -7.46 2.95 7.50
CA LEU B 35 -7.62 4.37 7.81
C LEU B 35 -8.79 4.64 8.73
N GLN B 36 -9.66 3.66 8.98
CA GLN B 36 -10.84 3.90 9.80
C GLN B 36 -10.46 4.23 11.24
N PRO B 37 -9.70 3.38 11.95
CA PRO B 37 -9.26 3.78 13.30
C PRO B 37 -8.33 4.99 13.29
N LEU B 38 -7.48 5.12 12.27
CA LEU B 38 -6.59 6.27 12.20
C LEU B 38 -7.38 7.57 12.08
N LEU B 39 -8.41 7.58 11.22
CA LEU B 39 -9.17 8.79 11.00
C LEU B 39 -10.02 9.15 12.22
N GLN B 40 -10.59 8.15 12.90
CA GLN B 40 -11.36 8.46 14.09
C GLN B 40 -10.47 8.98 15.20
N SER B 41 -9.27 8.41 15.35
CA SER B 41 -8.34 8.90 16.36
C SER B 41 -7.99 10.36 16.10
N ALA B 42 -7.83 10.74 14.83
CA ALA B 42 -7.54 12.13 14.51
C ALA B 42 -8.71 13.04 14.87
N GLN B 43 -9.93 12.59 14.60
CA GLN B 43 -11.11 13.37 14.99
C GLN B 43 -11.19 13.50 16.50
N LEU B 44 -10.89 12.42 17.23
CA LEU B 44 -11.01 12.45 18.68
C LEU B 44 -10.00 13.40 19.32
N THR B 45 -8.81 13.52 18.74
CA THR B 45 -7.75 14.36 19.29
C THR B 45 -7.61 15.71 18.60
N GLY B 46 -8.47 15.99 17.61
CA GLY B 46 -8.43 17.28 16.95
C GLY B 46 -7.18 17.50 16.11
N MET B 47 -6.70 16.47 15.43
CA MET B 47 -5.54 16.62 14.56
C MET B 47 -5.92 17.40 13.30
N THR B 48 -4.95 18.14 12.78
CA THR B 48 -5.09 18.77 11.46
C THR B 48 -4.68 17.74 10.41
N VAL B 49 -5.63 17.32 9.59
CA VAL B 49 -5.37 16.33 8.55
C VAL B 49 -5.37 17.01 7.20
N THR B 50 -4.54 16.50 6.29
CA THR B 50 -4.44 16.99 4.92
C THR B 50 -4.83 15.87 3.98
N ILE B 51 -6.01 15.99 3.37
CA ILE B 51 -6.45 15.02 2.38
C ILE B 51 -5.69 15.25 1.09
N LYS B 52 -5.09 14.19 0.55
CA LYS B 52 -4.34 14.25 -0.70
C LYS B 52 -4.92 13.25 -1.68
N SER B 53 -5.27 13.74 -2.88
CA SER B 53 -5.84 12.86 -3.90
C SER B 53 -5.85 13.55 -5.25
N SER B 54 -5.84 12.71 -6.29
CA SER B 54 -5.99 13.19 -7.67
C SER B 54 -7.30 13.95 -7.88
N THR B 55 -8.29 13.73 -7.03
CA THR B 55 -9.65 14.18 -7.25
C THR B 55 -10.11 14.85 -5.97
N CYS B 56 -10.20 16.19 -5.99
CA CYS B 56 -10.46 16.97 -4.78
C CYS B 56 -11.83 17.61 -4.78
N ALA B 57 -12.76 17.10 -5.60
CA ALA B 57 -14.15 17.56 -5.54
C ALA B 57 -14.85 16.92 -4.34
N SER B 58 -15.61 17.72 -3.62
CA SER B 58 -16.37 17.22 -2.48
C SER B 58 -17.23 16.03 -2.89
N GLY B 59 -17.06 14.91 -2.17
CA GLY B 59 -17.68 13.66 -2.52
C GLY B 59 -16.77 12.66 -3.19
N SER B 60 -15.49 13.02 -3.37
CA SER B 60 -14.56 12.19 -4.11
C SER B 60 -13.75 11.29 -3.18
N GLY B 61 -13.09 10.30 -3.77
CA GLY B 61 -12.32 9.35 -3.00
C GLY B 61 -10.91 9.81 -2.71
N PHE B 62 -10.31 9.18 -1.70
CA PHE B 62 -8.92 9.48 -1.34
C PHE B 62 -8.30 8.26 -0.70
N ALA B 63 -6.97 8.23 -0.69
CA ALA B 63 -6.24 7.15 -0.05
C ALA B 63 -4.91 7.63 0.52
N GLU B 64 -4.63 8.94 0.50
CA GLU B 64 -3.44 9.53 1.08
C GLU B 64 -3.87 10.62 2.03
N VAL B 65 -3.27 10.66 3.22
CA VAL B 65 -3.67 11.63 4.22
C VAL B 65 -2.52 11.87 5.20
N GLN B 66 -2.24 13.13 5.50
CA GLN B 66 -1.23 13.49 6.48
C GLN B 66 -1.90 13.85 7.80
N PHE B 67 -1.31 13.39 8.90
CA PHE B 67 -1.80 13.63 10.25
C PHE B 67 -0.82 14.57 10.96
N ASN B 68 -1.22 15.82 11.14
CA ASN B 68 -0.39 16.82 11.80
C ASN B 68 -0.94 17.17 13.18
N ASN B 69 -0.02 17.53 14.07
CA ASN B 69 -0.41 18.04 15.37
C ASN B 69 -0.86 19.50 15.30
N ASP B 70 -0.51 20.20 14.23
CA ASP B 70 -0.88 21.61 14.08
C ASP B 70 -2.37 21.76 13.81
N ALA C 1 -27.70 -16.70 30.57
CA ALA C 1 -27.91 -16.15 31.94
C ALA C 1 -26.87 -15.08 32.26
N ASP C 2 -27.23 -14.14 33.13
CA ASP C 2 -26.29 -13.13 33.63
C ASP C 2 -25.38 -13.79 34.65
N CYS C 3 -24.19 -14.18 34.22
CA CYS C 3 -23.28 -14.90 35.12
C CYS C 3 -22.63 -13.96 36.13
N ALA C 4 -22.10 -12.83 35.66
CA ALA C 4 -21.34 -11.94 36.52
C ALA C 4 -21.51 -10.50 36.05
N LYS C 5 -21.44 -9.58 37.00
CA LYS C 5 -21.62 -8.16 36.70
C LYS C 5 -20.73 -7.36 37.63
N GLY C 6 -19.88 -6.52 37.06
CA GLY C 6 -18.98 -5.70 37.84
C GLY C 6 -17.83 -5.22 36.99
N LYS C 7 -16.85 -4.61 37.66
CA LYS C 7 -15.64 -4.20 36.98
C LYS C 7 -14.79 -5.43 36.64
N ILE C 8 -13.86 -5.25 35.70
CA ILE C 8 -12.90 -6.27 35.37
C ILE C 8 -11.73 -6.15 36.35
N GLU C 9 -11.47 -7.23 37.10
CA GLU C 9 -10.42 -7.19 38.11
C GLU C 9 -9.05 -7.48 37.50
N PHE C 10 -8.96 -8.47 36.61
CA PHE C 10 -7.78 -8.65 35.78
C PHE C 10 -8.22 -9.27 34.47
N SER C 11 -7.39 -9.09 33.43
CA SER C 11 -7.54 -9.78 32.17
C SER C 11 -6.24 -10.53 31.88
N LYS C 12 -6.33 -11.54 31.02
CA LYS C 12 -5.19 -12.39 30.74
C LYS C 12 -5.26 -12.89 29.31
N TYR C 13 -4.14 -12.79 28.61
CA TYR C 13 -3.98 -13.41 27.29
C TYR C 13 -3.36 -14.79 27.50
N ASN C 14 -4.02 -15.82 26.99
CA ASN C 14 -3.64 -17.20 27.24
C ASN C 14 -2.88 -17.77 26.05
N GLU C 15 -1.99 -18.75 26.35
CA GLU C 15 -1.12 -19.28 25.31
C GLU C 15 -1.90 -19.90 24.16
N ASN C 16 -3.13 -20.36 24.41
CA ASN C 16 -3.98 -20.90 23.35
C ASN C 16 -4.74 -19.80 22.62
N ASP C 17 -4.31 -18.55 22.76
CA ASP C 17 -4.87 -17.39 22.08
C ASP C 17 -6.28 -17.04 22.55
N THR C 18 -6.75 -17.63 23.64
CA THR C 18 -7.99 -17.22 24.26
C THR C 18 -7.72 -16.11 25.27
N PHE C 19 -8.80 -15.53 25.80
CA PHE C 19 -8.71 -14.33 26.63
C PHE C 19 -9.62 -14.49 27.84
N THR C 20 -9.09 -14.20 29.01
CA THR C 20 -9.79 -14.40 30.28
C THR C 20 -9.95 -13.08 31.01
N VAL C 21 -11.09 -12.94 31.69
CA VAL C 21 -11.34 -11.81 32.57
C VAL C 21 -11.93 -12.34 33.87
N LYS C 22 -11.71 -11.61 34.96
CA LYS C 22 -12.25 -11.94 36.26
C LYS C 22 -13.27 -10.86 36.64
N VAL C 23 -14.54 -11.26 36.74
CA VAL C 23 -15.63 -10.36 37.08
C VAL C 23 -16.41 -10.95 38.24
N ALA C 24 -16.59 -10.16 39.29
CA ALA C 24 -17.32 -10.60 40.48
C ALA C 24 -16.74 -11.90 41.03
N GLY C 25 -15.42 -11.89 41.25
CA GLY C 25 -14.73 -12.99 41.89
C GLY C 25 -14.54 -14.23 41.07
N LYS C 26 -15.19 -14.36 39.92
CA LYS C 26 -15.15 -15.57 39.12
C LYS C 26 -14.53 -15.29 37.76
N GLU C 27 -13.75 -16.25 37.26
CA GLU C 27 -13.05 -16.11 36.00
C GLU C 27 -13.90 -16.64 34.85
N TYR C 28 -13.82 -15.97 33.70
CA TYR C 28 -14.47 -16.42 32.49
C TYR C 28 -13.52 -16.18 31.32
N TRP C 29 -13.56 -17.09 30.34
CA TRP C 29 -12.69 -17.00 29.17
C TRP C 29 -13.53 -16.95 27.91
N THR C 30 -12.96 -16.39 26.85
CA THR C 30 -13.65 -16.34 25.57
C THR C 30 -12.69 -16.61 24.42
N ASN C 31 -13.26 -17.17 23.35
CA ASN C 31 -12.54 -17.56 22.15
C ASN C 31 -12.51 -16.47 21.09
N ARG C 32 -13.36 -15.45 21.23
CA ARG C 32 -13.58 -14.46 20.18
C ARG C 32 -12.50 -13.40 20.26
N TRP C 33 -11.65 -13.34 19.23
CA TRP C 33 -10.53 -12.41 19.24
C TRP C 33 -10.99 -10.96 19.23
N ASN C 34 -12.18 -10.69 18.67
CA ASN C 34 -12.68 -9.32 18.64
C ASN C 34 -12.96 -8.78 20.05
N LEU C 35 -13.22 -9.65 21.02
CA LEU C 35 -13.54 -9.18 22.36
C LEU C 35 -12.31 -8.76 23.16
N GLN C 36 -11.11 -9.13 22.72
CA GLN C 36 -9.92 -8.82 23.51
C GLN C 36 -9.70 -7.32 23.67
N PRO C 37 -9.66 -6.51 22.60
CA PRO C 37 -9.54 -5.06 22.81
C PRO C 37 -10.76 -4.45 23.48
N LEU C 38 -11.96 -4.96 23.19
CA LEU C 38 -13.16 -4.45 23.85
C LEU C 38 -13.07 -4.65 25.36
N LEU C 39 -12.54 -5.79 25.79
CA LEU C 39 -12.48 -6.08 27.23
C LEU C 39 -11.38 -5.28 27.91
N GLN C 40 -10.19 -5.23 27.32
CA GLN C 40 -9.12 -4.44 27.92
C GLN C 40 -9.53 -2.97 28.02
N SER C 41 -10.23 -2.46 27.00
CA SER C 41 -10.72 -1.09 27.07
C SER C 41 -11.66 -0.91 28.24
N ALA C 42 -12.63 -1.81 28.39
CA ALA C 42 -13.55 -1.75 29.52
C ALA C 42 -12.79 -1.75 30.84
N GLN C 43 -11.77 -2.61 30.95
CA GLN C 43 -11.00 -2.69 32.18
C GLN C 43 -10.31 -1.38 32.50
N LEU C 44 -9.76 -0.71 31.48
CA LEU C 44 -8.97 0.49 31.72
C LEU C 44 -9.83 1.72 32.02
N THR C 45 -11.01 1.80 31.43
CA THR C 45 -11.87 2.98 31.61
C THR C 45 -12.91 2.78 32.70
N GLY C 46 -12.89 1.65 33.40
CA GLY C 46 -13.80 1.44 34.50
C GLY C 46 -15.21 1.09 34.09
N MET C 47 -15.38 0.39 32.98
CA MET C 47 -16.73 0.01 32.53
C MET C 47 -17.24 -1.17 33.33
N THR C 48 -18.55 -1.15 33.60
CA THR C 48 -19.22 -2.30 34.20
C THR C 48 -19.61 -3.27 33.09
N VAL C 49 -19.12 -4.50 33.18
CA VAL C 49 -19.40 -5.52 32.18
C VAL C 49 -20.36 -6.54 32.77
N THR C 50 -21.22 -7.09 31.93
CA THR C 50 -22.17 -8.14 32.31
C THR C 50 -21.87 -9.35 31.44
N ILE C 51 -21.22 -10.35 32.02
CA ILE C 51 -20.92 -11.58 31.29
C ILE C 51 -22.19 -12.40 31.16
N LYS C 52 -22.50 -12.85 29.94
CA LYS C 52 -23.73 -13.57 29.65
C LYS C 52 -23.38 -14.87 28.95
N SER C 53 -23.85 -15.98 29.52
CA SER C 53 -23.53 -17.31 29.00
C SER C 53 -24.55 -18.30 29.55
N SER C 54 -24.67 -19.43 28.88
CA SER C 54 -25.49 -20.54 29.36
C SER C 54 -24.74 -21.43 30.33
N THR C 55 -23.47 -21.12 30.62
CA THR C 55 -22.64 -21.91 31.52
C THR C 55 -21.89 -20.91 32.40
N CYS C 56 -22.34 -20.75 33.65
CA CYS C 56 -21.87 -19.65 34.50
C CYS C 56 -20.93 -20.10 35.61
N ALA C 57 -20.49 -21.36 35.62
CA ALA C 57 -19.50 -21.78 36.59
C ALA C 57 -18.19 -21.06 36.35
N SER C 58 -17.56 -20.62 37.43
CA SER C 58 -16.24 -19.97 37.31
C SER C 58 -15.29 -20.88 36.55
N GLY C 59 -14.55 -20.27 35.62
CA GLY C 59 -13.70 -21.02 34.71
C GLY C 59 -14.36 -21.43 33.42
N SER C 60 -15.61 -21.04 33.20
CA SER C 60 -16.34 -21.42 32.00
C SER C 60 -16.15 -20.40 30.89
N GLY C 61 -16.59 -20.78 29.69
CA GLY C 61 -16.45 -19.92 28.54
C GLY C 61 -17.67 -19.06 28.28
N PHE C 62 -17.45 -17.99 27.52
CA PHE C 62 -18.53 -17.08 27.17
C PHE C 62 -18.24 -16.42 25.82
N ALA C 63 -19.26 -15.76 25.29
CA ALA C 63 -19.10 -14.99 24.05
C ALA C 63 -20.14 -13.89 23.92
N GLU C 64 -20.82 -13.52 25.01
CA GLU C 64 -21.78 -12.44 25.03
C GLU C 64 -21.50 -11.60 26.27
N VAL C 65 -21.41 -10.27 26.11
CA VAL C 65 -21.08 -9.40 27.23
C VAL C 65 -21.54 -7.98 26.94
N GLN C 66 -22.22 -7.38 27.92
CA GLN C 66 -22.68 -6.00 27.84
C GLN C 66 -21.67 -5.06 28.48
N PHE C 67 -21.58 -3.85 27.94
CA PHE C 67 -20.63 -2.84 28.40
C PHE C 67 -21.40 -1.58 28.82
N ASN C 68 -21.25 -1.18 30.08
CA ASN C 68 -21.81 0.06 30.59
C ASN C 68 -20.70 0.92 31.15
N ASN C 69 -20.87 2.24 31.04
CA ASN C 69 -19.78 3.17 31.33
C ASN C 69 -19.57 3.42 32.81
N ASP C 70 -20.50 3.00 33.67
CA ASP C 70 -20.50 3.39 35.09
C ASP C 70 -21.24 4.72 35.24
N ALA D 1 20.55 0.32 12.75
CA ALA D 1 21.11 1.30 13.74
C ALA D 1 20.04 2.28 14.19
N ASP D 2 20.32 3.01 15.27
CA ASP D 2 19.41 4.02 15.79
C ASP D 2 19.48 5.24 14.88
N CYS D 3 18.45 5.47 14.07
CA CYS D 3 18.49 6.60 13.15
C CYS D 3 17.93 7.88 13.76
N ALA D 4 16.81 7.81 14.48
CA ALA D 4 16.19 9.00 15.04
C ALA D 4 15.46 8.65 16.32
N LYS D 5 15.52 9.56 17.29
CA LYS D 5 14.83 9.43 18.56
C LYS D 5 14.11 10.73 18.88
N GLY D 6 12.84 10.62 19.24
CA GLY D 6 12.05 11.78 19.59
C GLY D 6 10.57 11.46 19.44
N LYS D 7 9.77 12.50 19.57
CA LYS D 7 8.34 12.39 19.33
C LYS D 7 8.06 12.51 17.83
N ILE D 8 6.96 11.90 17.41
CA ILE D 8 6.56 11.94 16.01
C ILE D 8 6.01 13.33 15.70
N GLU D 9 6.60 14.01 14.71
CA GLU D 9 6.13 15.34 14.34
C GLU D 9 4.88 15.26 13.47
N PHE D 10 4.84 14.33 12.52
CA PHE D 10 3.63 14.04 11.77
C PHE D 10 3.75 12.62 11.24
N SER D 11 2.62 12.09 10.78
CA SER D 11 2.56 10.81 10.11
C SER D 11 1.71 10.95 8.86
N LYS D 12 1.89 10.01 7.93
CA LYS D 12 1.17 10.07 6.67
C LYS D 12 0.86 8.65 6.20
N TYR D 13 -0.41 8.41 5.89
CA TYR D 13 -0.82 7.18 5.22
C TYR D 13 -0.67 7.39 3.72
N ASN D 14 0.12 6.54 3.07
CA ASN D 14 0.50 6.72 1.69
C ASN D 14 -0.37 5.86 0.77
N GLU D 15 -0.45 6.29 -0.50
CA GLU D 15 -1.31 5.60 -1.46
C GLU D 15 -0.99 4.12 -1.54
N ASN D 16 0.27 3.74 -1.38
CA ASN D 16 0.69 2.35 -1.48
C ASN D 16 0.50 1.56 -0.18
N ASP D 17 -0.33 2.06 0.73
CA ASP D 17 -0.65 1.41 1.99
C ASP D 17 0.52 1.36 2.95
N THR D 18 1.63 2.04 2.64
CA THR D 18 2.72 2.19 3.59
C THR D 18 2.40 3.36 4.52
N PHE D 19 3.31 3.62 5.46
CA PHE D 19 3.04 4.58 6.52
C PHE D 19 4.33 5.31 6.87
N THR D 20 4.27 6.64 6.91
CA THR D 20 5.45 7.48 7.11
C THR D 20 5.33 8.23 8.43
N VAL D 21 6.47 8.41 9.09
CA VAL D 21 6.58 9.25 10.29
C VAL D 21 7.78 10.16 10.12
N LYS D 22 7.71 11.31 10.78
CA LYS D 22 8.83 12.25 10.86
C LYS D 22 9.32 12.29 12.30
N VAL D 23 10.57 11.94 12.52
CA VAL D 23 11.18 11.94 13.85
C VAL D 23 12.54 12.61 13.75
N ALA D 24 12.82 13.53 14.66
CA ALA D 24 14.11 14.22 14.72
C ALA D 24 14.45 14.89 13.39
N GLY D 25 13.45 15.40 12.69
CA GLY D 25 13.65 16.16 11.48
C GLY D 25 13.73 15.35 10.20
N LYS D 26 13.67 14.03 10.28
CA LYS D 26 13.78 13.16 9.12
C LYS D 26 12.58 12.25 9.03
N GLU D 27 12.30 11.79 7.81
CA GLU D 27 11.13 10.97 7.52
C GLU D 27 11.55 9.52 7.30
N TYR D 28 10.65 8.61 7.66
CA TYR D 28 10.87 7.17 7.51
C TYR D 28 9.52 6.51 7.26
N TRP D 29 9.52 5.42 6.50
CA TRP D 29 8.29 4.73 6.14
C TRP D 29 8.42 3.24 6.41
N THR D 30 7.28 2.58 6.55
CA THR D 30 7.25 1.16 6.87
C THR D 30 6.12 0.47 6.11
N ASN D 31 6.37 -0.78 5.71
CA ASN D 31 5.39 -1.59 5.01
C ASN D 31 4.52 -2.40 5.95
N ARG D 32 4.92 -2.56 7.20
CA ARG D 32 4.19 -3.41 8.14
C ARG D 32 2.91 -2.72 8.58
N TRP D 33 1.77 -3.24 8.10
CA TRP D 33 0.48 -2.68 8.48
C TRP D 33 0.30 -2.62 9.99
N ASN D 34 1.02 -3.46 10.74
CA ASN D 34 0.85 -3.56 12.17
C ASN D 34 1.49 -2.41 12.92
N LEU D 35 2.46 -1.71 12.31
CA LEU D 35 3.02 -0.51 12.93
C LEU D 35 2.10 0.70 12.77
N GLN D 36 1.10 0.62 11.90
CA GLN D 36 0.24 1.78 11.67
C GLN D 36 -0.52 2.19 12.93
N PRO D 37 -1.26 1.31 13.60
CA PRO D 37 -1.90 1.73 14.86
C PRO D 37 -0.90 2.05 15.95
N LEU D 38 0.20 1.30 16.05
CA LEU D 38 1.18 1.55 17.10
C LEU D 38 1.87 2.89 16.90
N LEU D 39 2.24 3.22 15.66
CA LEU D 39 2.93 4.48 15.41
C LEU D 39 2.01 5.67 15.65
N GLN D 40 0.77 5.60 15.15
CA GLN D 40 -0.11 6.75 15.33
C GLN D 40 -0.47 6.94 16.80
N SER D 41 -0.68 5.84 17.53
CA SER D 41 -0.95 5.96 18.96
C SER D 41 0.22 6.60 19.68
N ALA D 42 1.44 6.27 19.27
CA ALA D 42 2.62 6.93 19.84
C ALA D 42 2.61 8.42 19.53
N GLN D 43 2.20 8.80 18.32
CA GLN D 43 2.18 10.21 17.97
C GLN D 43 1.22 10.99 18.86
N LEU D 44 -0.03 10.54 18.94
CA LEU D 44 -1.05 11.32 19.63
C LEU D 44 -0.89 11.28 21.15
N THR D 45 -0.12 10.33 21.68
CA THR D 45 0.18 10.30 23.10
C THR D 45 1.56 10.88 23.43
N GLY D 46 2.36 11.19 22.42
CA GLY D 46 3.63 11.84 22.66
C GLY D 46 4.75 10.94 23.13
N MET D 47 4.65 9.64 22.87
CA MET D 47 5.76 8.74 23.19
C MET D 47 7.01 9.19 22.46
N THR D 48 8.16 8.86 23.04
CA THR D 48 9.44 9.03 22.35
C THR D 48 9.77 7.73 21.64
N VAL D 49 9.88 7.78 20.32
CA VAL D 49 10.13 6.61 19.50
C VAL D 49 11.60 6.58 19.11
N THR D 50 12.12 5.39 18.86
CA THR D 50 13.48 5.21 18.35
C THR D 50 13.39 4.38 17.07
N ILE D 51 13.63 5.02 15.94
CA ILE D 51 13.61 4.34 14.65
C ILE D 51 14.90 3.55 14.50
N LYS D 52 14.79 2.32 14.00
CA LYS D 52 15.94 1.43 13.87
C LYS D 52 15.90 0.77 12.51
N SER D 53 16.99 0.89 11.76
CA SER D 53 17.01 0.39 10.39
C SER D 53 18.45 0.30 9.91
N SER D 54 18.70 -0.67 9.02
CA SER D 54 19.94 -0.67 8.26
C SER D 54 20.07 0.59 7.43
N THR D 55 18.94 1.20 7.06
CA THR D 55 18.90 2.39 6.21
C THR D 55 18.38 3.55 7.03
N CYS D 56 19.23 4.56 7.23
CA CYS D 56 18.97 5.61 8.21
C CYS D 56 18.85 7.00 7.61
N ALA D 57 18.91 7.15 6.30
CA ALA D 57 18.76 8.45 5.67
C ALA D 57 17.30 8.79 5.46
N SER D 58 16.97 10.07 5.59
CA SER D 58 15.59 10.51 5.46
C SER D 58 14.99 9.99 4.16
N GLY D 59 13.70 9.68 4.21
CA GLY D 59 13.01 9.07 3.10
C GLY D 59 13.19 7.57 2.99
N SER D 60 13.91 6.96 3.92
CA SER D 60 14.22 5.54 3.86
C SER D 60 13.27 4.74 4.74
N GLY D 61 13.22 3.43 4.47
CA GLY D 61 12.29 2.56 5.16
C GLY D 61 12.84 2.01 6.46
N PHE D 62 11.94 1.37 7.22
CA PHE D 62 12.31 0.77 8.49
C PHE D 62 11.24 -0.25 8.88
N ALA D 63 11.60 -1.09 9.84
CA ALA D 63 10.66 -2.08 10.39
C ALA D 63 11.09 -2.51 11.78
N GLU D 64 11.78 -1.61 12.49
CA GLU D 64 12.22 -1.85 13.86
C GLU D 64 12.11 -0.52 14.60
N VAL D 65 11.39 -0.52 15.72
CA VAL D 65 11.07 0.73 16.42
C VAL D 65 10.83 0.45 17.90
N GLN D 66 11.41 1.29 18.76
CA GLN D 66 11.22 1.20 20.19
C GLN D 66 10.28 2.31 20.66
N PHE D 67 9.43 1.99 21.63
CA PHE D 67 8.47 2.94 22.19
C PHE D 67 8.78 3.15 23.66
N ASN D 68 8.96 4.40 24.06
CA ASN D 68 9.09 4.77 25.46
C ASN D 68 8.07 5.85 25.79
N ASN D 69 7.52 5.80 27.01
CA ASN D 69 6.66 6.88 27.46
C ASN D 69 7.47 8.15 27.70
N ASP D 70 8.73 8.01 28.10
CA ASP D 70 9.58 9.14 28.45
C ASP D 70 10.92 9.07 27.70
N ALA E 1 5.25 -20.27 34.28
CA ALA E 1 5.84 -19.63 35.50
C ALA E 1 5.79 -18.11 35.38
N ASP E 2 5.49 -17.45 36.50
CA ASP E 2 5.51 -15.99 36.56
C ASP E 2 6.93 -15.50 36.33
N CYS E 3 7.24 -15.12 35.09
CA CYS E 3 8.62 -14.79 34.74
C CYS E 3 9.03 -13.41 35.23
N ALA E 4 8.13 -12.43 35.12
CA ALA E 4 8.42 -11.07 35.50
C ALA E 4 7.10 -10.35 35.72
N LYS E 5 7.15 -9.28 36.51
CA LYS E 5 5.94 -8.55 36.86
C LYS E 5 6.28 -7.10 37.15
N GLY E 6 5.52 -6.19 36.57
CA GLY E 6 5.76 -4.77 36.73
C GLY E 6 5.20 -4.00 35.56
N LYS E 7 5.48 -2.70 35.56
CA LYS E 7 5.10 -1.84 34.46
C LYS E 7 6.04 -2.06 33.28
N ILE E 8 5.56 -1.75 32.09
CA ILE E 8 6.33 -1.95 30.87
C ILE E 8 7.32 -0.80 30.72
N GLU E 9 8.61 -1.12 30.76
CA GLU E 9 9.66 -0.10 30.64
C GLU E 9 9.70 0.48 29.24
N PHE E 10 9.75 -0.39 28.22
CA PHE E 10 9.67 0.01 26.84
C PHE E 10 9.16 -1.18 26.04
N SER E 11 8.68 -0.91 24.84
CA SER E 11 8.26 -1.94 23.89
C SER E 11 9.00 -1.70 22.58
N LYS E 12 9.00 -2.70 21.70
CA LYS E 12 9.75 -2.59 20.46
C LYS E 12 9.18 -3.56 19.44
N TYR E 13 8.71 -3.02 18.31
CA TYR E 13 8.41 -3.84 17.14
C TYR E 13 9.72 -4.25 16.47
N ASN E 14 9.86 -5.53 16.18
CA ASN E 14 11.11 -6.08 15.69
C ASN E 14 11.02 -6.38 14.20
N GLU E 15 12.20 -6.46 13.57
CA GLU E 15 12.24 -6.72 12.13
C GLU E 15 11.55 -8.03 11.78
N ASN E 16 11.66 -9.04 12.64
CA ASN E 16 11.03 -10.34 12.40
C ASN E 16 9.55 -10.35 12.74
N ASP E 17 8.93 -9.17 12.86
CA ASP E 17 7.49 -9.01 13.11
C ASP E 17 7.05 -9.51 14.48
N THR E 18 7.99 -9.76 15.38
CA THR E 18 7.65 -10.03 16.77
C THR E 18 7.67 -8.73 17.58
N PHE E 19 7.21 -8.81 18.82
CA PHE E 19 7.02 -7.64 19.67
C PHE E 19 7.61 -7.93 21.03
N THR E 20 8.50 -7.05 21.49
CA THR E 20 9.17 -7.24 22.77
C THR E 20 8.82 -6.12 23.72
N VAL E 21 8.69 -6.47 25.00
CA VAL E 21 8.48 -5.53 26.09
C VAL E 21 9.53 -5.82 27.16
N LYS E 22 9.92 -4.78 27.89
CA LYS E 22 10.88 -4.90 28.98
C LYS E 22 10.15 -4.73 30.30
N VAL E 23 10.19 -5.77 31.13
CA VAL E 23 9.49 -5.79 32.41
C VAL E 23 10.47 -6.24 33.49
N ALA E 24 10.51 -5.52 34.60
CA ALA E 24 11.36 -5.86 35.75
C ALA E 24 12.81 -6.07 35.30
N GLY E 25 13.28 -5.20 34.41
CA GLY E 25 14.64 -5.28 33.95
C GLY E 25 14.96 -6.38 32.97
N LYS E 26 13.97 -7.11 32.48
CA LYS E 26 14.17 -8.27 31.61
C LYS E 26 13.28 -8.12 30.41
N GLU E 27 13.81 -8.48 29.26
CA GLU E 27 13.10 -8.37 27.98
C GLU E 27 12.45 -9.70 27.62
N TYR E 28 11.29 -9.59 26.97
CA TYR E 28 10.53 -10.77 26.55
C TYR E 28 9.80 -10.45 25.25
N TRP E 29 9.88 -11.37 24.29
CA TRP E 29 9.27 -11.19 22.98
C TRP E 29 8.11 -12.16 22.79
N THR E 30 7.21 -11.80 21.88
CA THR E 30 6.09 -12.67 21.55
C THR E 30 5.77 -12.53 20.07
N ASN E 31 5.43 -13.65 19.44
CA ASN E 31 4.98 -13.66 18.05
C ASN E 31 3.48 -13.55 17.93
N ARG E 32 2.77 -13.33 19.03
CA ARG E 32 1.32 -13.18 19.02
C ARG E 32 0.99 -11.76 18.60
N TRP E 33 0.36 -11.61 17.43
CA TRP E 33 0.15 -10.27 16.87
C TRP E 33 -0.96 -9.52 17.61
N ASN E 34 -1.95 -10.24 18.14
CA ASN E 34 -3.03 -9.56 18.87
C ASN E 34 -2.53 -8.91 20.16
N LEU E 35 -1.37 -9.32 20.66
CA LEU E 35 -0.83 -8.72 21.88
C LEU E 35 -0.17 -7.38 21.64
N GLN E 36 0.09 -7.01 20.38
CA GLN E 36 0.80 -5.76 20.10
C GLN E 36 0.01 -4.54 20.57
N PRO E 37 -1.21 -4.30 20.10
CA PRO E 37 -1.96 -3.14 20.61
C PRO E 37 -2.32 -3.27 22.09
N LEU E 38 -2.54 -4.49 22.58
CA LEU E 38 -2.87 -4.67 23.99
C LEU E 38 -1.71 -4.29 24.89
N LEU E 39 -0.49 -4.71 24.53
CA LEU E 39 0.67 -4.37 25.34
C LEU E 39 0.99 -2.87 25.27
N GLN E 40 0.75 -2.24 24.11
CA GLN E 40 1.01 -0.81 24.01
C GLN E 40 0.05 -0.03 24.90
N SER E 41 -1.25 -0.39 24.88
CA SER E 41 -2.19 0.28 25.76
C SER E 41 -1.82 0.06 27.22
N ALA E 42 -1.32 -1.13 27.56
CA ALA E 42 -0.88 -1.39 28.92
C ALA E 42 0.32 -0.52 29.28
N GLN E 43 1.29 -0.41 28.36
CA GLN E 43 2.44 0.46 28.62
C GLN E 43 2.01 1.90 28.76
N LEU E 44 1.09 2.37 27.92
CA LEU E 44 0.69 3.77 27.95
C LEU E 44 0.02 4.15 29.27
N THR E 45 -0.73 3.23 29.87
CA THR E 45 -1.51 3.53 31.06
C THR E 45 -0.86 3.03 32.35
N GLY E 46 0.36 2.51 32.26
CA GLY E 46 1.03 2.03 33.46
C GLY E 46 0.35 0.83 34.10
N MET E 47 -0.21 -0.06 33.29
CA MET E 47 -0.74 -1.31 33.80
C MET E 47 0.40 -2.16 34.34
N THR E 48 0.11 -2.93 35.40
CA THR E 48 1.03 -3.92 35.92
C THR E 48 0.76 -5.24 35.19
N VAL E 49 1.73 -5.69 34.40
CA VAL E 49 1.58 -6.90 33.62
C VAL E 49 2.42 -8.00 34.25
N THR E 50 1.93 -9.24 34.11
CA THR E 50 2.61 -10.43 34.61
C THR E 50 2.93 -11.31 33.42
N ILE E 51 4.24 -11.46 33.10
CA ILE E 51 4.68 -12.28 31.98
C ILE E 51 4.75 -13.74 32.45
N LYS E 52 4.11 -14.62 31.69
CA LYS E 52 4.03 -16.03 32.02
C LYS E 52 4.50 -16.86 30.83
N SER E 53 5.56 -17.62 31.04
CA SER E 53 6.12 -18.47 29.99
C SER E 53 6.63 -19.76 30.60
N SER E 54 6.80 -20.77 29.75
CA SER E 54 7.57 -21.95 30.12
C SER E 54 9.07 -21.67 30.12
N THR E 55 9.47 -20.44 29.80
CA THR E 55 10.88 -20.09 29.60
C THR E 55 11.05 -18.65 30.07
N CYS E 56 11.57 -18.48 31.29
CA CYS E 56 11.64 -17.15 31.92
C CYS E 56 13.03 -16.54 31.82
N ALA E 57 13.90 -17.06 30.98
CA ALA E 57 15.20 -16.44 30.76
C ALA E 57 15.04 -15.08 30.09
N SER E 58 15.76 -14.08 30.59
CA SER E 58 15.71 -12.76 29.99
C SER E 58 16.08 -12.85 28.52
N GLY E 59 15.19 -12.33 27.66
CA GLY E 59 15.33 -12.48 26.23
C GLY E 59 14.55 -13.63 25.64
N SER E 60 13.85 -14.41 26.48
CA SER E 60 13.10 -15.56 26.02
C SER E 60 11.72 -15.13 25.52
N GLY E 61 11.06 -16.05 24.82
CA GLY E 61 9.75 -15.78 24.26
C GLY E 61 8.62 -16.07 25.24
N PHE E 62 7.46 -15.50 24.94
CA PHE E 62 6.28 -15.72 25.77
C PHE E 62 5.04 -15.60 24.91
N ALA E 63 3.92 -16.10 25.45
CA ALA E 63 2.63 -16.00 24.78
C ALA E 63 1.49 -15.92 25.77
N GLU E 64 1.76 -15.70 27.05
CA GLU E 64 0.75 -15.59 28.10
C GLU E 64 1.10 -14.40 28.98
N VAL E 65 0.13 -13.56 29.28
CA VAL E 65 0.40 -12.36 30.07
C VAL E 65 -0.90 -11.91 30.71
N GLN E 66 -0.80 -11.43 31.95
CA GLN E 66 -1.92 -10.92 32.72
C GLN E 66 -1.79 -9.40 32.85
N PHE E 67 -2.92 -8.70 32.77
CA PHE E 67 -2.96 -7.25 32.89
C PHE E 67 -3.75 -6.87 34.14
N ASN E 68 -3.12 -6.09 35.02
CA ASN E 68 -3.77 -5.59 36.22
C ASN E 68 -3.65 -4.07 36.28
N ASN E 69 -4.67 -3.44 36.85
CA ASN E 69 -4.60 -2.03 37.20
C ASN E 69 -3.99 -1.91 38.60
N ASP E 70 -3.80 -0.67 39.06
CA ASP E 70 -3.24 -0.44 40.39
C ASP E 70 -4.16 -1.03 41.45
N ALA F 1 -32.10 6.68 6.18
CA ALA F 1 -32.81 7.49 7.21
C ALA F 1 -31.97 7.61 8.48
N ASP F 2 -32.20 8.66 9.25
CA ASP F 2 -31.53 8.87 10.54
C ASP F 2 -32.39 8.19 11.61
N CYS F 3 -31.98 6.99 12.02
CA CYS F 3 -32.81 6.21 12.92
C CYS F 3 -32.70 6.68 14.37
N ALA F 4 -31.53 7.15 14.80
CA ALA F 4 -31.35 7.55 16.18
C ALA F 4 -30.04 8.33 16.31
N LYS F 5 -30.08 9.40 17.11
CA LYS F 5 -28.93 10.27 17.31
C LYS F 5 -28.79 10.56 18.79
N GLY F 6 -27.63 10.23 19.36
CA GLY F 6 -27.39 10.50 20.75
C GLY F 6 -26.17 9.73 21.24
N LYS F 7 -25.96 9.79 22.56
CA LYS F 7 -24.91 9.01 23.19
C LYS F 7 -25.25 7.53 23.16
N ILE F 8 -24.22 6.70 23.23
CA ILE F 8 -24.40 5.25 23.33
C ILE F 8 -24.65 4.92 24.80
N GLU F 9 -25.89 4.53 25.12
CA GLU F 9 -26.27 4.23 26.49
C GLU F 9 -25.60 2.96 26.99
N PHE F 10 -25.56 1.92 26.16
CA PHE F 10 -24.78 0.71 26.44
C PHE F 10 -24.44 0.06 25.12
N SER F 11 -23.45 -0.82 25.15
CA SER F 11 -23.08 -1.65 24.02
C SER F 11 -23.04 -3.10 24.48
N LYS F 12 -23.12 -4.02 23.52
CA LYS F 12 -23.16 -5.44 23.84
C LYS F 12 -22.61 -6.25 22.68
N TYR F 13 -21.59 -7.06 22.98
CA TYR F 13 -21.10 -8.05 22.03
C TYR F 13 -21.99 -9.28 22.11
N ASN F 14 -22.49 -9.73 20.96
CA ASN F 14 -23.45 -10.81 20.88
C ASN F 14 -22.76 -12.13 20.50
N GLU F 15 -23.41 -13.23 20.87
CA GLU F 15 -22.80 -14.55 20.65
C GLU F 15 -22.64 -14.87 19.18
N ASN F 16 -23.50 -14.32 18.32
CA ASN F 16 -23.34 -14.48 16.87
C ASN F 16 -22.30 -13.52 16.29
N ASP F 17 -21.51 -12.88 17.14
CA ASP F 17 -20.41 -12.00 16.75
C ASP F 17 -20.89 -10.67 16.18
N THR F 18 -22.19 -10.38 16.24
CA THR F 18 -22.67 -9.05 15.95
C THR F 18 -22.45 -8.14 17.15
N PHE F 19 -22.83 -6.87 17.03
CA PHE F 19 -22.54 -5.87 18.03
C PHE F 19 -23.72 -4.91 18.16
N THR F 20 -24.18 -4.71 19.39
CA THR F 20 -25.38 -3.93 19.68
C THR F 20 -25.04 -2.67 20.44
N VAL F 21 -25.76 -1.59 20.14
CA VAL F 21 -25.67 -0.34 20.87
C VAL F 21 -27.08 0.20 21.07
N LYS F 22 -27.29 0.93 22.16
CA LYS F 22 -28.55 1.59 22.43
C LYS F 22 -28.35 3.09 22.29
N VAL F 23 -29.12 3.72 21.40
CA VAL F 23 -29.03 5.14 21.16
C VAL F 23 -30.43 5.73 21.10
N ALA F 24 -30.67 6.79 21.87
CA ALA F 24 -31.96 7.48 21.89
C ALA F 24 -33.09 6.57 22.34
N GLY F 25 -32.75 5.57 23.17
CA GLY F 25 -33.74 4.65 23.68
C GLY F 25 -34.05 3.46 22.80
N LYS F 26 -33.27 3.23 21.75
CA LYS F 26 -33.52 2.15 20.81
C LYS F 26 -32.26 1.34 20.64
N GLU F 27 -32.44 0.07 20.32
CA GLU F 27 -31.36 -0.89 20.16
C GLU F 27 -31.20 -1.25 18.68
N TYR F 28 -29.95 -1.24 18.23
CA TYR F 28 -29.60 -1.66 16.87
C TYR F 28 -28.32 -2.47 16.92
N TRP F 29 -28.23 -3.46 16.03
CA TRP F 29 -27.07 -4.33 15.92
C TRP F 29 -26.41 -4.16 14.56
N THR F 30 -25.13 -4.52 14.49
CA THR F 30 -24.39 -4.46 13.24
C THR F 30 -23.49 -5.68 13.12
N ASN F 31 -23.30 -6.11 11.88
CA ASN F 31 -22.41 -7.23 11.57
C ASN F 31 -21.04 -6.78 11.11
N ARG F 32 -20.80 -5.48 11.03
CA ARG F 32 -19.50 -4.97 10.59
C ARG F 32 -18.56 -4.96 11.78
N TRP F 33 -17.53 -5.81 11.75
CA TRP F 33 -16.62 -5.92 12.88
C TRP F 33 -15.81 -4.65 13.08
N ASN F 34 -15.42 -3.99 11.98
CA ASN F 34 -14.62 -2.78 12.09
C ASN F 34 -15.28 -1.73 12.98
N LEU F 35 -16.61 -1.74 13.05
CA LEU F 35 -17.31 -0.73 13.83
C LEU F 35 -17.18 -0.97 15.34
N GLN F 36 -16.83 -2.18 15.76
CA GLN F 36 -16.87 -2.51 17.19
C GLN F 36 -15.97 -1.59 18.01
N PRO F 37 -14.65 -1.55 17.79
CA PRO F 37 -13.81 -0.63 18.59
C PRO F 37 -14.15 0.84 18.38
N LEU F 38 -14.59 1.21 17.16
CA LEU F 38 -14.95 2.59 16.92
C LEU F 38 -16.15 3.00 17.76
N LEU F 39 -17.15 2.13 17.86
CA LEU F 39 -18.34 2.46 18.63
C LEU F 39 -18.04 2.48 20.13
N GLN F 40 -17.20 1.57 20.61
CA GLN F 40 -16.88 1.56 22.03
C GLN F 40 -16.14 2.84 22.43
N SER F 41 -15.17 3.27 21.62
CA SER F 41 -14.46 4.51 21.92
C SER F 41 -15.42 5.70 21.93
N ALA F 42 -16.39 5.71 21.01
CA ALA F 42 -17.42 6.74 21.05
C ALA F 42 -18.18 6.69 22.37
N GLN F 43 -18.47 5.47 22.85
CA GLN F 43 -19.20 5.32 24.10
C GLN F 43 -18.39 5.83 25.29
N LEU F 44 -17.11 5.45 25.37
CA LEU F 44 -16.31 5.81 26.54
C LEU F 44 -16.25 7.32 26.73
N THR F 45 -16.20 8.07 25.63
CA THR F 45 -15.96 9.51 25.68
C THR F 45 -17.23 10.34 25.59
N GLY F 46 -18.38 9.72 25.41
CA GLY F 46 -19.62 10.47 25.30
C GLY F 46 -19.85 11.09 23.94
N MET F 47 -19.26 10.54 22.90
CA MET F 47 -19.48 10.99 21.54
C MET F 47 -20.93 10.69 21.13
N THR F 48 -21.60 11.68 20.56
CA THR F 48 -22.94 11.46 20.03
C THR F 48 -22.83 10.90 18.61
N VAL F 49 -23.52 9.79 18.37
CA VAL F 49 -23.49 9.11 17.08
C VAL F 49 -24.88 9.21 16.45
N THR F 50 -24.93 9.00 15.14
CA THR F 50 -26.18 8.97 14.39
C THR F 50 -26.28 7.63 13.68
N ILE F 51 -27.24 6.81 14.09
CA ILE F 51 -27.49 5.53 13.44
C ILE F 51 -28.34 5.76 12.20
N LYS F 52 -27.92 5.20 11.07
CA LYS F 52 -28.62 5.37 9.79
C LYS F 52 -28.91 3.99 9.20
N SER F 53 -30.11 3.82 8.66
CA SER F 53 -30.53 2.53 8.12
C SER F 53 -31.87 2.68 7.42
N SER F 54 -32.17 1.73 6.53
CA SER F 54 -33.50 1.63 5.95
C SER F 54 -34.53 1.19 6.98
N THR F 55 -34.08 0.56 8.05
CA THR F 55 -34.90 -0.03 9.10
C THR F 55 -34.55 0.66 10.40
N CYS F 56 -35.46 1.45 10.96
CA CYS F 56 -35.18 2.20 12.17
C CYS F 56 -35.85 1.63 13.41
N ALA F 57 -36.55 0.50 13.29
CA ALA F 57 -37.24 -0.06 14.44
C ALA F 57 -36.25 -0.65 15.43
N SER F 58 -36.49 -0.41 16.72
CA SER F 58 -35.66 -1.02 17.76
C SER F 58 -35.54 -2.52 17.49
N GLY F 59 -34.29 -3.00 17.52
CA GLY F 59 -33.99 -4.37 17.18
C GLY F 59 -33.45 -4.57 15.78
N SER F 60 -33.49 -3.55 14.94
CA SER F 60 -33.06 -3.67 13.56
C SER F 60 -31.54 -3.66 13.46
N GLY F 61 -31.04 -4.17 12.34
CA GLY F 61 -29.64 -4.06 12.05
C GLY F 61 -29.26 -2.74 11.42
N PHE F 62 -27.98 -2.42 11.47
CA PHE F 62 -27.46 -1.23 10.81
C PHE F 62 -26.04 -1.50 10.34
N ALA F 63 -25.59 -0.67 9.39
CA ALA F 63 -24.23 -0.74 8.92
C ALA F 63 -23.70 0.65 8.56
N GLU F 64 -24.38 1.72 8.96
CA GLU F 64 -23.99 3.09 8.67
C GLU F 64 -24.21 3.93 9.92
N VAL F 65 -23.17 4.64 10.35
CA VAL F 65 -23.25 5.48 11.55
C VAL F 65 -22.32 6.67 11.38
N GLN F 66 -22.81 7.83 11.79
CA GLN F 66 -22.04 9.07 11.77
C GLN F 66 -21.53 9.38 13.17
N PHE F 67 -20.28 9.80 13.26
CA PHE F 67 -19.65 10.20 14.52
C PHE F 67 -19.53 11.71 14.54
N ASN F 68 -20.29 12.36 15.41
CA ASN F 68 -20.37 13.80 15.46
C ASN F 68 -19.55 14.36 16.62
N ASN F 69 -19.27 15.67 16.56
CA ASN F 69 -18.47 16.36 17.55
C ASN F 69 -19.31 17.14 18.55
N ASP F 70 -20.61 17.28 18.32
CA ASP F 70 -21.48 17.98 19.26
C ASP F 70 -21.84 17.06 20.42
N GLN G 1 7.63 -32.39 9.01
CA GLN G 1 7.36 -32.56 7.55
C GLN G 1 6.10 -33.38 7.32
N GLU G 2 5.41 -33.70 8.40
CA GLU G 2 4.05 -34.20 8.34
C GLU G 2 3.10 -33.05 8.65
N PHE G 3 2.16 -32.81 7.74
CA PHE G 3 1.16 -31.76 7.91
C PHE G 3 -0.21 -32.36 7.62
N THR G 4 -1.25 -31.58 7.95
CA THR G 4 -2.61 -31.99 7.70
C THR G 4 -3.38 -30.84 7.09
N ILE G 5 -4.16 -31.14 6.05
CA ILE G 5 -5.12 -30.20 5.48
C ILE G 5 -6.50 -30.66 5.92
N ASP G 6 -7.15 -29.87 6.77
CA ASP G 6 -8.42 -30.23 7.38
C ASP G 6 -9.55 -29.59 6.58
N PHE G 7 -10.27 -30.40 5.80
CA PHE G 7 -11.42 -29.94 5.05
C PHE G 7 -12.69 -29.87 5.90
N SER G 8 -12.55 -29.83 7.22
CA SER G 8 -13.71 -29.74 8.11
C SER G 8 -14.52 -28.49 7.80
N THR G 9 -13.93 -27.33 8.07
CA THR G 9 -14.56 -26.03 7.89
C THR G 9 -13.70 -25.18 6.97
N GLN G 10 -14.27 -24.09 6.49
CA GLN G 10 -13.51 -23.18 5.63
C GLN G 10 -12.29 -22.64 6.35
N GLN G 11 -12.47 -22.20 7.61
CA GLN G 11 -11.36 -21.61 8.33
C GLN G 11 -10.34 -22.67 8.75
N SER G 12 -10.78 -23.90 9.00
CA SER G 12 -9.84 -24.98 9.25
C SER G 12 -9.03 -25.29 7.99
N TYR G 13 -9.69 -25.29 6.83
CA TYR G 13 -8.99 -25.45 5.56
C TYR G 13 -7.95 -24.36 5.38
N VAL G 14 -8.35 -23.09 5.53
CA VAL G 14 -7.43 -21.98 5.33
C VAL G 14 -6.30 -22.03 6.36
N SER G 15 -6.64 -22.33 7.61
CA SER G 15 -5.61 -22.38 8.65
C SER G 15 -4.59 -23.48 8.36
N SER G 16 -5.06 -24.62 7.85
CA SER G 16 -4.14 -25.70 7.51
C SER G 16 -3.17 -25.26 6.42
N LEU G 17 -3.69 -24.67 5.34
CA LEU G 17 -2.82 -24.22 4.26
C LEU G 17 -1.76 -23.25 4.78
N ASN G 18 -2.16 -22.33 5.68
CA ASN G 18 -1.24 -21.28 6.11
C ASN G 18 -0.16 -21.82 7.05
N SER G 19 -0.47 -22.86 7.82
CA SER G 19 0.57 -23.46 8.66
C SER G 19 1.59 -24.20 7.80
N ILE G 20 1.15 -24.83 6.70
CA ILE G 20 2.09 -25.39 5.74
C ILE G 20 2.95 -24.29 5.14
N ARG G 21 2.30 -23.20 4.70
CA ARG G 21 3.03 -22.10 4.09
C ARG G 21 4.07 -21.53 5.06
N THR G 22 3.64 -21.22 6.29
CA THR G 22 4.55 -20.66 7.28
C THR G 22 5.78 -21.54 7.46
N ALA G 23 5.60 -22.86 7.39
CA ALA G 23 6.69 -23.77 7.68
C ALA G 23 7.65 -23.94 6.52
N ILE G 24 7.19 -23.80 5.28
CA ILE G 24 8.01 -24.10 4.12
C ILE G 24 8.49 -22.87 3.37
N SER G 25 7.98 -21.68 3.68
CA SER G 25 8.33 -20.49 2.91
C SER G 25 8.48 -19.28 3.82
N THR G 26 9.05 -18.22 3.25
CA THR G 26 9.38 -17.00 3.97
C THR G 26 8.76 -15.80 3.25
N PRO G 27 8.00 -14.95 3.95
CA PRO G 27 7.35 -13.82 3.27
C PRO G 27 8.33 -12.93 2.52
N LEU G 28 7.77 -12.17 1.58
CA LEU G 28 8.52 -11.17 0.84
C LEU G 28 8.41 -9.83 1.55
N GLU G 29 9.55 -9.17 1.74
CA GLU G 29 9.56 -7.87 2.42
C GLU G 29 8.51 -6.94 1.83
N HIS G 30 8.47 -6.84 0.49
CA HIS G 30 7.71 -5.80 -0.18
C HIS G 30 6.34 -6.26 -0.67
N ILE G 31 5.93 -7.48 -0.34
CA ILE G 31 4.58 -7.93 -0.66
C ILE G 31 3.97 -8.59 0.57
N SER G 32 3.99 -7.88 1.69
CA SER G 32 3.32 -8.31 2.91
C SER G 32 2.43 -7.17 3.40
N GLN G 33 1.17 -7.46 3.68
CA GLN G 33 0.21 -6.49 4.19
C GLN G 33 -0.49 -7.15 5.38
N GLY G 34 0.08 -6.94 6.57
CA GLY G 34 -0.36 -7.65 7.75
C GLY G 34 0.14 -9.07 7.74
N ALA G 35 -0.77 -10.04 7.87
CA ALA G 35 -0.41 -11.44 7.85
C ALA G 35 -0.52 -12.07 6.45
N THR G 36 -1.04 -11.33 5.48
CA THR G 36 -1.19 -11.84 4.12
C THR G 36 0.08 -11.50 3.33
N SER G 37 0.72 -12.53 2.79
CA SER G 37 2.01 -12.36 2.13
C SER G 37 2.07 -13.21 0.87
N VAL G 38 3.01 -12.84 0.01
CA VAL G 38 3.56 -13.75 -0.99
C VAL G 38 4.89 -14.24 -0.44
N SER G 39 5.05 -15.56 -0.32
CA SER G 39 6.21 -16.14 0.30
C SER G 39 7.00 -16.98 -0.70
N VAL G 40 8.31 -17.04 -0.48
CA VAL G 40 9.22 -17.81 -1.33
C VAL G 40 9.58 -19.09 -0.61
N ILE G 41 9.45 -20.21 -1.31
CA ILE G 41 9.74 -21.51 -0.71
C ILE G 41 11.18 -21.51 -0.18
N ASN G 42 11.33 -21.88 1.08
CA ASN G 42 12.67 -22.02 1.65
C ASN G 42 13.43 -23.12 0.92
N HIS G 43 14.69 -22.85 0.60
CA HIS G 43 15.47 -23.85 -0.13
C HIS G 43 15.74 -25.06 0.76
N THR G 44 15.60 -26.24 0.16
CA THR G 44 15.84 -27.52 0.80
C THR G 44 16.69 -28.37 -0.13
N PRO G 45 17.35 -29.41 0.40
CA PRO G 45 18.10 -30.30 -0.49
C PRO G 45 17.16 -31.03 -1.42
N PRO G 46 17.61 -31.34 -2.64
CA PRO G 46 16.71 -32.03 -3.58
C PRO G 46 16.12 -33.29 -2.96
N GLY G 47 14.89 -33.61 -3.35
CA GLY G 47 14.18 -34.74 -2.80
C GLY G 47 13.53 -34.51 -1.46
N SER G 48 13.75 -33.36 -0.83
CA SER G 48 13.02 -33.02 0.39
C SER G 48 11.54 -32.94 0.09
N TYR G 49 10.73 -33.59 0.92
CA TYR G 49 9.32 -33.73 0.63
C TYR G 49 8.55 -33.40 1.89
N ILE G 50 7.24 -33.24 1.72
CA ILE G 50 6.32 -33.25 2.86
C ILE G 50 5.21 -34.26 2.61
N SER G 51 4.62 -34.72 3.69
CA SER G 51 3.52 -35.66 3.65
C SER G 51 2.31 -34.98 4.27
N VAL G 52 1.32 -34.71 3.43
CA VAL G 52 0.15 -33.94 3.83
C VAL G 52 -1.03 -34.90 3.94
N GLY G 53 -1.49 -35.12 5.17
CA GLY G 53 -2.65 -35.96 5.36
C GLY G 53 -3.94 -35.22 5.07
N ILE G 54 -4.94 -35.97 4.61
CA ILE G 54 -6.25 -35.42 4.27
C ILE G 54 -7.22 -35.81 5.38
N ARG G 55 -7.91 -34.80 5.92
CA ARG G 55 -8.79 -34.98 7.07
C ARG G 55 -9.99 -34.07 6.93
N GLY G 56 -11.15 -34.57 7.34
CA GLY G 56 -12.31 -33.73 7.46
C GLY G 56 -13.20 -33.71 6.24
N LEU G 57 -13.10 -34.69 5.33
CA LEU G 57 -14.00 -34.73 4.18
C LEU G 57 -15.43 -35.06 4.60
N ASP G 58 -15.58 -36.16 5.32
CA ASP G 58 -16.89 -36.74 5.59
C ASP G 58 -17.41 -36.36 6.96
N VAL G 59 -16.71 -36.72 8.02
CA VAL G 59 -17.07 -36.42 9.40
C VAL G 59 -18.14 -37.38 9.92
N TYR G 60 -18.72 -38.19 9.02
CA TYR G 60 -19.33 -39.45 9.44
C TYR G 60 -18.37 -40.64 9.65
N GLN G 61 -17.16 -40.61 9.08
CA GLN G 61 -16.22 -41.72 8.88
C GLN G 61 -14.94 -41.20 9.49
N ALA G 62 -14.77 -41.48 10.78
CA ALA G 62 -13.50 -41.19 11.45
C ALA G 62 -12.32 -41.70 10.64
N HIS G 63 -12.51 -42.77 9.85
CA HIS G 63 -11.40 -43.41 9.15
C HIS G 63 -11.43 -43.17 7.64
N PHE G 64 -12.01 -42.04 7.24
CA PHE G 64 -11.76 -41.43 5.94
C PHE G 64 -10.54 -40.51 5.97
N ASP G 65 -9.55 -40.83 6.82
CA ASP G 65 -8.39 -39.98 7.05
C ASP G 65 -7.10 -40.77 6.87
N HIS G 66 -7.07 -41.64 5.87
CA HIS G 66 -5.91 -42.49 5.63
C HIS G 66 -5.21 -42.16 4.32
N LEU G 67 -5.58 -41.06 3.67
CA LEU G 67 -4.91 -40.62 2.46
C LEU G 67 -3.89 -39.55 2.81
N ARG G 68 -2.70 -39.68 2.22
CA ARG G 68 -1.66 -38.67 2.33
C ARG G 68 -1.10 -38.40 0.95
N LEU G 69 -0.77 -37.13 0.69
CA LEU G 69 -0.13 -36.71 -0.54
C LEU G 69 1.32 -36.36 -0.23
N ILE G 70 2.25 -36.93 -1.00
CA ILE G 70 3.67 -36.62 -0.85
C ILE G 70 4.00 -35.50 -1.85
N ILE G 71 4.47 -34.38 -1.33
CA ILE G 71 4.68 -33.17 -2.11
C ILE G 71 6.15 -32.78 -1.99
N GLU G 72 6.85 -32.77 -3.11
CA GLU G 72 8.22 -32.27 -3.12
C GLU G 72 8.23 -30.82 -2.69
N GLN G 73 9.10 -30.48 -1.73
CA GLN G 73 8.94 -29.21 -1.04
C GLN G 73 9.41 -28.03 -1.88
N ASN G 74 10.48 -28.17 -2.65
CA ASN G 74 11.04 -26.99 -3.31
C ASN G 74 10.19 -26.54 -4.49
N ASN G 75 9.27 -27.37 -4.99
CA ASN G 75 8.43 -27.01 -6.12
C ASN G 75 6.97 -27.33 -5.93
N LEU G 76 6.57 -27.94 -4.81
CA LEU G 76 5.17 -28.24 -4.51
C LEU G 76 4.54 -29.17 -5.54
N TYR G 77 5.36 -30.01 -6.19
CA TYR G 77 4.84 -31.06 -7.04
C TYR G 77 4.36 -32.24 -6.19
N VAL G 78 3.21 -32.80 -6.55
CA VAL G 78 2.71 -33.99 -5.87
C VAL G 78 3.43 -35.21 -6.45
N ALA G 79 4.31 -35.82 -5.65
CA ALA G 79 5.06 -36.98 -6.12
C ALA G 79 4.23 -38.25 -6.11
N GLY G 80 3.13 -38.28 -5.37
CA GLY G 80 2.30 -39.45 -5.30
C GLY G 80 1.39 -39.37 -4.08
N PHE G 81 0.74 -40.50 -3.80
CA PHE G 81 -0.17 -40.62 -2.68
C PHE G 81 0.14 -41.88 -1.90
N VAL G 82 -0.14 -41.85 -0.61
CA VAL G 82 0.13 -42.96 0.30
C VAL G 82 -1.19 -43.46 0.86
N ASN G 83 -1.41 -44.77 0.78
CA ASN G 83 -2.49 -45.43 1.49
C ASN G 83 -1.92 -45.91 2.83
N THR G 84 -2.33 -45.26 3.92
CA THR G 84 -1.79 -45.62 5.23
C THR G 84 -2.38 -46.91 5.77
N ALA G 85 -3.56 -47.32 5.29
CA ALA G 85 -4.16 -48.58 5.69
C ALA G 85 -3.52 -49.78 5.02
N THR G 86 -2.70 -49.56 3.99
CA THR G 86 -1.89 -50.61 3.39
C THR G 86 -0.40 -50.27 3.41
N ASN G 87 -0.03 -49.15 4.04
CA ASN G 87 1.36 -48.68 4.10
C ASN G 87 2.03 -48.80 2.74
N THR G 88 1.38 -48.26 1.71
CA THR G 88 1.91 -48.29 0.36
C THR G 88 1.89 -46.89 -0.23
N PHE G 89 2.99 -46.50 -0.86
CA PHE G 89 3.17 -45.19 -1.49
C PHE G 89 3.21 -45.40 -2.99
N TYR G 90 2.17 -44.96 -3.68
CA TYR G 90 2.08 -45.04 -5.13
C TYR G 90 2.74 -43.80 -5.71
N ARG G 91 3.86 -43.99 -6.39
CA ARG G 91 4.78 -42.92 -6.76
C ARG G 91 4.83 -42.78 -8.27
N PHE G 92 4.65 -41.56 -8.75
CA PHE G 92 4.70 -41.30 -10.18
C PHE G 92 6.10 -41.55 -10.72
N SER G 93 6.17 -41.75 -12.04
CA SER G 93 7.41 -42.21 -12.67
C SER G 93 8.51 -41.17 -12.56
N ASP G 94 8.17 -39.88 -12.61
CA ASP G 94 9.18 -38.83 -12.64
C ASP G 94 9.69 -38.47 -11.26
N PHE G 95 9.42 -39.28 -10.24
CA PHE G 95 9.82 -38.98 -8.87
C PHE G 95 10.55 -40.16 -8.25
N ALA G 96 11.37 -40.85 -9.05
CA ALA G 96 12.17 -41.95 -8.53
C ALA G 96 13.13 -41.48 -7.44
N HIS G 97 13.41 -40.18 -7.36
CA HIS G 97 14.32 -39.64 -6.36
C HIS G 97 13.65 -39.38 -5.02
N ILE G 98 12.33 -39.57 -4.90
CA ILE G 98 11.60 -39.40 -3.66
C ILE G 98 11.44 -40.77 -3.02
N SER G 99 11.91 -40.91 -1.79
CA SER G 99 11.91 -42.20 -1.11
C SER G 99 11.37 -42.02 0.29
N LEU G 100 10.40 -42.85 0.65
CA LEU G 100 9.90 -42.91 2.01
C LEU G 100 10.44 -44.14 2.75
N PRO G 101 11.01 -43.96 3.96
CA PRO G 101 11.42 -45.12 4.76
C PRO G 101 10.28 -45.71 5.55
N GLY G 102 10.21 -47.04 5.54
CA GLY G 102 9.16 -47.75 6.24
C GLY G 102 7.87 -47.89 5.46
N VAL G 103 7.91 -47.64 4.16
CA VAL G 103 6.70 -47.58 3.33
C VAL G 103 7.01 -48.29 2.02
N THR G 104 6.19 -49.29 1.67
CA THR G 104 6.36 -50.01 0.42
C THR G 104 6.01 -49.08 -0.75
N THR G 105 6.89 -49.01 -1.74
CA THR G 105 6.85 -47.97 -2.76
C THR G 105 6.67 -48.61 -4.14
N ILE G 106 5.51 -48.37 -4.75
CA ILE G 106 5.22 -48.84 -6.10
C ILE G 106 5.61 -47.73 -7.06
N SER G 107 6.69 -47.93 -7.82
CA SER G 107 7.13 -46.99 -8.83
C SER G 107 6.30 -47.21 -10.09
N MET G 108 5.43 -46.26 -10.41
CA MET G 108 4.35 -46.52 -11.34
C MET G 108 4.74 -46.20 -12.79
N THR G 109 3.80 -46.45 -13.69
CA THR G 109 3.98 -46.22 -15.11
C THR G 109 3.86 -44.74 -15.45
N THR G 110 2.75 -44.14 -15.04
CA THR G 110 2.40 -42.77 -15.43
C THR G 110 3.26 -41.75 -14.70
N ASP G 111 3.49 -40.62 -15.37
CA ASP G 111 4.14 -39.48 -14.75
C ASP G 111 3.08 -38.53 -14.18
N SER G 112 3.53 -37.55 -13.41
CA SER G 112 2.64 -36.66 -12.69
C SER G 112 2.16 -35.47 -13.54
N SER G 113 2.50 -35.44 -14.83
CA SER G 113 2.09 -34.32 -15.67
C SER G 113 0.58 -34.10 -15.60
N TYR G 114 0.17 -32.84 -15.72
CA TYR G 114 -1.26 -32.56 -15.86
C TYR G 114 -1.77 -33.01 -17.22
N THR G 115 -0.89 -33.07 -18.22
CA THR G 115 -1.30 -33.57 -19.54
C THR G 115 -1.57 -35.07 -19.50
N THR G 116 -0.66 -35.83 -18.89
CA THR G 116 -0.86 -37.27 -18.77
C THR G 116 -2.13 -37.60 -17.99
N LEU G 117 -2.34 -36.91 -16.87
CA LEU G 117 -3.48 -37.24 -16.02
C LEU G 117 -4.80 -36.81 -16.66
N GLN G 118 -4.80 -35.68 -17.37
CA GLN G 118 -6.01 -35.27 -18.07
C GLN G 118 -6.41 -36.30 -19.11
N ARG G 119 -5.44 -36.86 -19.83
CA ARG G 119 -5.69 -37.88 -20.83
C ARG G 119 -6.36 -39.10 -20.21
N VAL G 120 -5.62 -39.83 -19.37
CA VAL G 120 -6.16 -41.04 -18.75
C VAL G 120 -7.45 -40.76 -17.99
N ALA G 121 -7.67 -39.51 -17.58
CA ALA G 121 -8.84 -39.16 -16.78
C ALA G 121 -10.05 -38.78 -17.61
N ALA G 122 -9.85 -38.36 -18.87
CA ALA G 122 -10.94 -37.86 -19.71
C ALA G 122 -11.58 -36.63 -19.06
N LEU G 123 -10.73 -35.69 -18.64
CA LEU G 123 -11.18 -34.58 -17.78
C LEU G 123 -10.22 -33.41 -18.01
N GLU G 124 -10.79 -32.27 -18.36
CA GLU G 124 -10.02 -31.04 -18.53
C GLU G 124 -9.98 -30.25 -17.22
N ARG G 125 -8.80 -29.76 -16.87
CA ARG G 125 -8.67 -28.96 -15.66
C ARG G 125 -9.60 -27.75 -15.70
N SER G 126 -9.68 -27.08 -16.85
CA SER G 126 -10.56 -25.94 -17.00
C SER G 126 -11.99 -26.43 -17.16
N GLY G 127 -12.86 -26.07 -16.22
CA GLY G 127 -14.20 -26.59 -16.14
C GLY G 127 -14.38 -27.69 -15.12
N MET G 128 -13.28 -28.28 -14.65
CA MET G 128 -13.36 -29.34 -13.65
C MET G 128 -14.10 -28.86 -12.42
N GLN G 129 -15.03 -29.68 -11.94
CA GLN G 129 -15.88 -29.34 -10.80
C GLN G 129 -15.43 -30.14 -9.58
N ILE G 130 -15.45 -29.48 -8.43
CA ILE G 130 -14.97 -30.06 -7.19
C ILE G 130 -15.92 -29.66 -6.07
N SER G 131 -16.47 -30.65 -5.38
CA SER G 131 -17.33 -30.45 -4.22
C SER G 131 -16.75 -31.21 -3.04
N ARG G 132 -17.36 -31.02 -1.87
CA ARG G 132 -17.07 -31.92 -0.76
C ARG G 132 -17.37 -33.37 -1.15
N HIS G 133 -18.41 -33.57 -1.97
CA HIS G 133 -18.75 -34.91 -2.42
C HIS G 133 -17.73 -35.44 -3.42
N SER G 134 -17.24 -34.57 -4.31
CA SER G 134 -16.22 -35.00 -5.27
C SER G 134 -14.94 -35.42 -4.56
N LEU G 135 -14.60 -34.76 -3.44
CA LEU G 135 -13.39 -35.12 -2.72
C LEU G 135 -13.58 -36.41 -1.94
N VAL G 136 -14.73 -36.59 -1.31
CA VAL G 136 -15.04 -37.87 -0.67
C VAL G 136 -14.93 -38.99 -1.70
N SER G 137 -15.46 -38.77 -2.90
CA SER G 137 -15.42 -39.80 -3.94
C SER G 137 -14.01 -40.02 -4.45
N SER G 138 -13.20 -38.97 -4.54
CA SER G 138 -11.81 -39.14 -4.95
C SER G 138 -10.96 -39.75 -3.84
N TYR G 139 -11.24 -39.42 -2.58
CA TYR G 139 -10.63 -40.15 -1.48
C TYR G 139 -10.83 -41.65 -1.67
N LEU G 140 -12.10 -42.08 -1.79
CA LEU G 140 -12.39 -43.50 -1.92
C LEU G 140 -11.71 -44.10 -3.14
N ALA G 141 -11.62 -43.33 -4.24
CA ALA G 141 -11.04 -43.88 -5.46
C ALA G 141 -9.55 -44.18 -5.29
N LEU G 142 -8.84 -43.36 -4.52
CA LEU G 142 -7.41 -43.58 -4.34
C LEU G 142 -7.12 -44.66 -3.32
N MET G 143 -7.95 -44.79 -2.28
CA MET G 143 -7.77 -45.89 -1.35
C MET G 143 -8.02 -47.24 -2.02
N GLU G 144 -8.92 -47.27 -3.01
CA GLU G 144 -9.20 -48.50 -3.73
C GLU G 144 -8.19 -48.77 -4.83
N PHE G 145 -7.31 -47.82 -5.15
CA PHE G 145 -6.36 -48.04 -6.23
C PHE G 145 -5.26 -49.01 -5.80
N SER G 146 -4.82 -49.81 -6.77
CA SER G 146 -3.71 -50.73 -6.58
C SER G 146 -3.02 -50.93 -7.91
N GLY G 147 -1.86 -51.58 -7.87
CA GLY G 147 -1.09 -51.81 -9.07
C GLY G 147 -0.09 -50.71 -9.33
N ASN G 148 0.41 -50.70 -10.58
CA ASN G 148 1.44 -49.75 -10.97
C ASN G 148 1.08 -48.90 -12.18
N THR G 149 -0.11 -49.07 -12.76
CA THR G 149 -0.56 -48.24 -13.86
C THR G 149 -1.84 -47.54 -13.44
N MET G 150 -1.85 -46.21 -13.50
CA MET G 150 -2.97 -45.44 -12.98
C MET G 150 -4.19 -45.57 -13.88
N THR G 151 -5.35 -45.40 -13.27
CA THR G 151 -6.66 -45.64 -13.86
C THR G 151 -7.31 -44.31 -14.21
N ARG G 152 -8.51 -44.40 -14.79
CA ARG G 152 -9.28 -43.18 -15.04
C ARG G 152 -9.63 -42.48 -13.74
N GLU G 153 -10.23 -43.22 -12.79
CA GLU G 153 -10.74 -42.61 -11.58
C GLU G 153 -9.63 -42.24 -10.60
N ALA G 154 -8.49 -42.91 -10.67
CA ALA G 154 -7.34 -42.49 -9.86
C ALA G 154 -6.74 -41.20 -10.43
N SER G 155 -6.73 -41.06 -11.75
CA SER G 155 -6.25 -39.82 -12.36
C SER G 155 -7.18 -38.66 -12.04
N ARG G 156 -8.50 -38.88 -12.16
CA ARG G 156 -9.46 -37.84 -11.81
C ARG G 156 -9.33 -37.43 -10.34
N ALA G 157 -9.02 -38.41 -9.48
CA ALA G 157 -8.88 -38.11 -8.06
C ALA G 157 -7.64 -37.28 -7.79
N VAL G 158 -6.54 -37.55 -8.49
CA VAL G 158 -5.32 -36.78 -8.30
C VAL G 158 -5.51 -35.35 -8.77
N LEU G 159 -6.16 -35.18 -9.93
CA LEU G 159 -6.39 -33.83 -10.45
C LEU G 159 -7.19 -33.00 -9.46
N ARG G 160 -8.21 -33.58 -8.83
CA ARG G 160 -9.03 -32.83 -7.89
C ARG G 160 -8.23 -32.47 -6.64
N PHE G 161 -7.45 -33.40 -6.11
CA PHE G 161 -6.71 -33.12 -4.88
C PHE G 161 -5.54 -32.19 -5.14
N VAL G 162 -4.88 -32.32 -6.29
CA VAL G 162 -3.79 -31.41 -6.64
C VAL G 162 -4.28 -29.97 -6.60
N THR G 163 -5.47 -29.73 -7.16
CA THR G 163 -5.98 -28.37 -7.24
C THR G 163 -6.25 -27.79 -5.86
N VAL G 164 -6.87 -28.57 -4.97
CA VAL G 164 -7.27 -28.04 -3.67
C VAL G 164 -6.16 -28.12 -2.63
N THR G 165 -5.04 -28.78 -2.94
CA THR G 165 -3.90 -28.79 -2.04
C THR G 165 -2.76 -27.95 -2.61
N ALA G 166 -2.01 -28.54 -3.54
CA ALA G 166 -0.82 -27.87 -4.06
C ALA G 166 -1.17 -26.53 -4.71
N GLN G 167 -2.13 -26.51 -5.64
CA GLN G 167 -2.45 -25.26 -6.34
C GLN G 167 -3.01 -24.21 -5.39
N ALA G 168 -3.80 -24.65 -4.42
CA ALA G 168 -4.36 -23.71 -3.45
C ALA G 168 -3.28 -23.15 -2.55
N LEU G 169 -2.25 -23.95 -2.24
CA LEU G 169 -1.11 -23.43 -1.50
C LEU G 169 -0.41 -22.33 -2.29
N ARG G 170 -0.32 -22.50 -3.60
CA ARG G 170 0.37 -21.51 -4.43
C ARG G 170 -0.47 -20.25 -4.59
N PHE G 171 -1.78 -20.40 -4.80
CA PHE G 171 -2.63 -19.31 -5.26
C PHE G 171 -3.77 -19.10 -4.28
N ARG G 172 -3.67 -18.00 -3.51
CA ARG G 172 -4.74 -17.61 -2.61
C ARG G 172 -6.06 -17.47 -3.35
N GLN G 173 -6.01 -17.12 -4.64
CA GLN G 173 -7.24 -17.05 -5.43
C GLN G 173 -7.97 -18.38 -5.41
N ILE G 174 -7.26 -19.47 -5.70
CA ILE G 174 -7.89 -20.79 -5.73
C ILE G 174 -8.33 -21.19 -4.33
N GLN G 175 -7.53 -20.88 -3.31
CA GLN G 175 -7.96 -21.11 -1.94
C GLN G 175 -9.28 -20.41 -1.66
N ARG G 176 -9.35 -19.12 -1.94
CA ARG G 176 -10.55 -18.34 -1.63
C ARG G 176 -11.74 -18.81 -2.44
N GLU G 177 -11.52 -19.24 -3.69
CA GLU G 177 -12.64 -19.64 -4.53
C GLU G 177 -13.19 -21.00 -4.14
N PHE G 178 -12.32 -21.98 -3.89
CA PHE G 178 -12.79 -23.32 -3.60
C PHE G 178 -13.32 -23.47 -2.19
N ARG G 179 -12.83 -22.66 -1.24
CA ARG G 179 -13.24 -22.85 0.14
C ARG G 179 -14.74 -22.63 0.34
N GLN G 180 -15.46 -22.19 -0.69
CA GLN G 180 -16.91 -22.08 -0.57
C GLN G 180 -17.60 -23.43 -0.65
N ALA G 181 -17.02 -24.40 -1.39
CA ALA G 181 -17.59 -25.74 -1.45
C ALA G 181 -17.58 -26.43 -0.09
N LEU G 182 -16.93 -25.82 0.91
CA LEU G 182 -16.72 -26.41 2.22
C LEU G 182 -17.77 -25.95 3.21
N SER G 183 -18.62 -25.02 2.83
CA SER G 183 -19.51 -24.38 3.79
C SER G 183 -20.78 -25.21 3.90
N GLU G 184 -21.76 -24.69 4.66
CA GLU G 184 -23.02 -25.38 4.91
C GLU G 184 -23.73 -25.74 3.61
N THR G 185 -23.58 -24.89 2.60
CA THR G 185 -24.34 -25.04 1.38
C THR G 185 -23.83 -26.20 0.54
N ALA G 186 -22.57 -26.57 0.70
CA ALA G 186 -21.93 -27.58 -0.15
C ALA G 186 -22.07 -27.20 -1.63
N PRO G 187 -21.70 -25.98 -2.02
CA PRO G 187 -21.76 -25.62 -3.44
C PRO G 187 -20.63 -26.30 -4.22
N VAL G 188 -20.72 -26.20 -5.54
CA VAL G 188 -19.68 -26.71 -6.42
C VAL G 188 -18.66 -25.61 -6.66
N TYR G 189 -17.39 -25.98 -6.68
CA TYR G 189 -16.32 -25.11 -7.16
C TYR G 189 -15.93 -25.58 -8.56
N THR G 190 -15.86 -24.64 -9.50
CA THR G 190 -15.41 -24.92 -10.86
C THR G 190 -14.11 -24.15 -11.08
N MET G 191 -13.04 -24.85 -11.42
CA MET G 191 -11.76 -24.19 -11.68
C MET G 191 -11.83 -23.48 -13.03
N THR G 192 -11.69 -22.17 -13.01
CA THR G 192 -11.89 -21.35 -14.20
C THR G 192 -10.68 -21.39 -15.12
N PRO G 193 -10.83 -20.95 -16.37
CA PRO G 193 -9.64 -20.78 -17.22
C PRO G 193 -8.62 -19.82 -16.64
N GLU G 194 -9.07 -18.80 -15.89
CA GLU G 194 -8.13 -17.90 -15.22
C GLU G 194 -7.37 -18.63 -14.13
N ASP G 195 -8.05 -19.53 -13.41
CA ASP G 195 -7.36 -20.36 -12.44
C ASP G 195 -6.29 -21.21 -13.12
N VAL G 196 -6.62 -21.80 -14.26
CA VAL G 196 -5.68 -22.69 -14.94
C VAL G 196 -4.48 -21.91 -15.46
N ASP G 197 -4.72 -20.74 -16.05
CA ASP G 197 -3.61 -19.96 -16.58
C ASP G 197 -2.68 -19.47 -15.48
N LEU G 198 -3.21 -19.25 -14.27
CA LEU G 198 -2.34 -18.94 -13.14
C LEU G 198 -1.34 -20.06 -12.92
N THR G 199 -1.82 -21.31 -12.91
CA THR G 199 -0.92 -22.44 -12.70
C THR G 199 0.10 -22.56 -13.83
N LEU G 200 -0.29 -22.22 -15.06
CA LEU G 200 0.64 -22.31 -16.17
C LEU G 200 1.72 -21.22 -16.11
N ASN G 201 1.48 -20.15 -15.35
CA ASN G 201 2.41 -19.03 -15.26
C ASN G 201 3.08 -18.94 -13.90
N TRP G 202 3.00 -20.01 -13.08
CA TRP G 202 3.58 -19.97 -11.75
C TRP G 202 5.07 -19.68 -11.80
N GLY G 203 5.78 -20.29 -12.74
CA GLY G 203 7.21 -20.06 -12.84
C GLY G 203 7.54 -18.65 -13.30
N ARG G 204 6.77 -18.13 -14.25
CA ARG G 204 7.02 -16.77 -14.73
C ARG G 204 6.66 -15.75 -13.65
N ILE G 205 5.62 -16.02 -12.87
CA ILE G 205 5.27 -15.13 -11.76
C ILE G 205 6.35 -15.18 -10.69
N SER G 206 6.86 -16.38 -10.39
CA SER G 206 7.86 -16.51 -9.35
C SER G 206 9.15 -15.76 -9.68
N ASN G 207 9.47 -15.66 -10.98
CA ASN G 207 10.68 -14.97 -11.40
C ASN G 207 10.57 -13.45 -11.26
N VAL G 208 9.36 -12.92 -11.28
CA VAL G 208 9.15 -11.47 -11.34
C VAL G 208 8.90 -10.88 -9.96
N LEU G 209 8.05 -11.51 -9.16
CA LEU G 209 7.55 -10.83 -7.96
C LEU G 209 8.64 -10.51 -6.94
N PRO G 210 9.72 -11.28 -6.79
CA PRO G 210 10.79 -10.86 -5.87
C PRO G 210 11.38 -9.48 -6.18
N GLU G 211 11.26 -9.03 -7.43
CA GLU G 211 11.79 -7.74 -7.85
C GLU G 211 10.82 -6.58 -7.60
N TYR G 212 9.63 -6.86 -7.09
CA TYR G 212 8.63 -5.83 -6.91
C TYR G 212 8.99 -4.91 -5.75
N ARG G 213 8.89 -3.60 -5.97
CA ARG G 213 9.21 -2.59 -4.96
C ARG G 213 8.10 -1.55 -4.86
N GLY G 214 6.85 -1.99 -5.01
CA GLY G 214 5.73 -1.10 -4.88
C GLY G 214 5.33 -0.35 -6.13
N GLU G 215 5.82 -0.77 -7.31
CA GLU G 215 5.34 -0.23 -8.57
C GLU G 215 3.82 -0.30 -8.59
N ASP G 216 3.18 0.43 -9.49
CA ASP G 216 1.72 0.50 -9.48
C ASP G 216 1.10 -0.84 -9.80
N GLY G 217 1.71 -1.60 -10.70
CA GLY G 217 1.18 -2.90 -11.08
C GLY G 217 2.24 -3.87 -11.57
N VAL G 218 1.80 -5.03 -12.03
CA VAL G 218 2.71 -6.06 -12.55
C VAL G 218 2.07 -6.69 -13.78
N ARG G 219 2.90 -7.00 -14.77
CA ARG G 219 2.45 -7.62 -16.02
C ARG G 219 3.37 -8.79 -16.33
N VAL G 220 2.79 -9.98 -16.42
CA VAL G 220 3.53 -11.20 -16.72
C VAL G 220 2.75 -11.95 -17.80
N GLY G 221 3.19 -11.82 -19.04
CA GLY G 221 2.48 -12.46 -20.13
C GLY G 221 1.05 -11.95 -20.18
N ARG G 222 0.10 -12.88 -20.04
CA ARG G 222 -1.32 -12.55 -20.12
C ARG G 222 -1.91 -12.12 -18.79
N ILE G 223 -1.13 -12.16 -17.71
CA ILE G 223 -1.63 -11.92 -16.36
C ILE G 223 -1.32 -10.49 -15.95
N SER G 224 -2.27 -9.86 -15.27
CA SER G 224 -2.12 -8.50 -14.78
C SER G 224 -2.54 -8.40 -13.33
N PHE G 225 -1.72 -7.73 -12.52
CA PHE G 225 -2.05 -7.34 -11.15
C PHE G 225 -2.05 -5.82 -11.10
N ASN G 226 -3.24 -5.22 -10.95
CA ASN G 226 -3.38 -3.78 -11.03
C ASN G 226 -3.03 -3.05 -9.73
N ASN G 227 -2.75 -3.79 -8.66
CA ASN G 227 -2.32 -3.18 -7.41
C ASN G 227 -1.81 -4.30 -6.51
N ILE G 228 -1.15 -3.91 -5.42
CA ILE G 228 -0.59 -4.89 -4.51
C ILE G 228 -1.68 -5.73 -3.84
N SER G 229 -2.89 -5.20 -3.73
CA SER G 229 -4.00 -6.00 -3.24
C SER G 229 -4.32 -7.15 -4.20
N ALA G 230 -4.27 -6.88 -5.50
CA ALA G 230 -4.55 -7.92 -6.49
C ALA G 230 -3.49 -9.01 -6.45
N ILE G 231 -2.23 -8.64 -6.27
CA ILE G 231 -1.17 -9.64 -6.12
C ILE G 231 -1.48 -10.56 -4.95
N LEU G 232 -1.69 -9.97 -3.77
CA LEU G 232 -1.92 -10.78 -2.57
C LEU G 232 -3.20 -11.59 -2.69
N GLY G 233 -4.22 -11.03 -3.33
CA GLY G 233 -5.46 -11.75 -3.53
C GLY G 233 -5.37 -12.92 -4.49
N THR G 234 -4.27 -13.00 -5.24
CA THR G 234 -4.08 -14.06 -6.23
C THR G 234 -2.99 -15.05 -5.86
N VAL G 235 -1.84 -14.56 -5.39
CA VAL G 235 -0.64 -15.37 -5.23
C VAL G 235 -0.29 -15.47 -3.75
N ALA G 236 0.05 -16.68 -3.32
CA ALA G 236 0.46 -16.93 -1.94
C ALA G 236 1.91 -17.40 -1.82
N VAL G 237 2.32 -18.37 -2.64
CA VAL G 237 3.64 -18.98 -2.52
C VAL G 237 4.27 -19.11 -3.90
N ILE G 238 5.55 -18.74 -4.01
CA ILE G 238 6.26 -18.79 -5.27
C ILE G 238 7.54 -19.60 -5.10
N LEU G 239 8.08 -20.03 -6.24
CA LEU G 239 9.35 -20.75 -6.26
C LEU G 239 10.49 -19.84 -5.79
N ASN G 240 11.60 -20.48 -5.40
CA ASN G 240 12.82 -19.77 -5.04
C ASN G 240 13.71 -19.74 -6.28
N CYS G 241 13.60 -18.65 -7.04
CA CYS G 241 14.35 -18.51 -8.28
C CYS G 241 15.71 -17.85 -8.07
N HIS G 242 16.04 -17.44 -6.85
CA HIS G 242 17.32 -16.81 -6.55
C HIS G 242 18.45 -17.81 -6.38
N HIS G 243 18.21 -19.09 -6.66
CA HIS G 243 19.16 -20.18 -6.38
C HIS G 243 18.92 -20.72 -4.97
N PRO G 258 14.66 -24.26 -12.75
CA PRO G 258 13.95 -25.15 -13.68
C PRO G 258 12.77 -24.44 -14.37
N GLU G 259 11.66 -24.32 -13.64
CA GLU G 259 10.51 -23.56 -14.11
C GLU G 259 10.71 -22.05 -13.95
N CYS G 260 11.90 -21.63 -13.55
CA CYS G 260 12.13 -20.26 -13.12
C CYS G 260 12.52 -19.32 -14.26
N GLN G 261 13.35 -19.79 -15.18
CA GLN G 261 13.88 -18.96 -16.26
C GLN G 261 13.45 -19.53 -17.60
N ILE G 262 12.90 -18.67 -18.46
CA ILE G 262 12.64 -19.05 -19.83
C ILE G 262 13.84 -18.76 -20.72
N THR G 263 14.41 -17.57 -20.59
CA THR G 263 15.55 -17.14 -21.37
C THR G 263 16.02 -15.80 -20.82
N GLY G 264 17.30 -15.52 -21.00
CA GLY G 264 17.87 -14.28 -20.50
C GLY G 264 18.16 -14.32 -19.01
N ASP G 265 18.66 -13.19 -18.50
CA ASP G 265 19.02 -13.07 -17.09
C ASP G 265 18.46 -11.80 -16.46
N ARG G 266 17.55 -11.10 -17.12
CA ARG G 266 16.94 -9.87 -16.60
C ARG G 266 15.46 -10.13 -16.39
N PRO G 267 15.01 -10.40 -15.16
CA PRO G 267 13.60 -10.79 -14.98
C PRO G 267 12.62 -9.71 -15.36
N VAL G 268 12.98 -8.43 -15.26
CA VAL G 268 11.97 -7.38 -15.21
C VAL G 268 12.47 -6.07 -15.78
N ILE G 269 11.53 -5.32 -16.36
CA ILE G 269 11.71 -3.95 -16.82
C ILE G 269 10.58 -3.10 -16.25
N LYS G 270 10.92 -1.99 -15.61
CA LYS G 270 9.92 -1.03 -15.16
C LYS G 270 9.57 -0.09 -16.31
N ILE G 271 8.26 0.06 -16.57
CA ILE G 271 7.77 0.84 -17.70
C ILE G 271 6.55 1.62 -17.23
N ASN G 272 6.67 2.95 -17.19
CA ASN G 272 5.58 3.83 -16.77
C ASN G 272 4.94 3.32 -15.48
N ASN G 273 5.79 3.07 -14.48
CA ASN G 273 5.37 2.68 -13.15
C ASN G 273 4.65 1.33 -13.11
N THR G 274 4.80 0.53 -14.16
CA THR G 274 4.29 -0.83 -14.19
C THR G 274 5.48 -1.78 -14.33
N LEU G 275 5.49 -2.84 -13.52
CA LEU G 275 6.62 -3.77 -13.50
C LEU G 275 6.34 -4.93 -14.45
N TRP G 276 7.06 -4.97 -15.57
CA TRP G 276 6.83 -5.94 -16.62
C TRP G 276 7.86 -7.07 -16.55
N GLU G 277 7.41 -8.28 -16.86
CA GLU G 277 8.35 -9.35 -17.20
C GLU G 277 9.10 -8.96 -18.46
N SER G 278 10.44 -8.96 -18.39
CA SER G 278 11.24 -8.48 -19.50
C SER G 278 10.87 -9.17 -20.81
N ASN G 279 10.68 -10.48 -20.76
CA ASN G 279 10.43 -11.25 -21.97
C ASN G 279 9.07 -10.96 -22.59
N THR G 280 8.10 -10.52 -21.79
CA THR G 280 6.83 -10.07 -22.36
C THR G 280 7.02 -8.80 -23.18
N ALA G 281 7.70 -7.80 -22.60
CA ALA G 281 7.97 -6.57 -23.33
C ALA G 281 8.79 -6.84 -24.57
N ALA G 282 9.85 -7.63 -24.44
CA ALA G 282 10.69 -7.95 -25.59
C ALA G 282 9.91 -8.66 -26.68
N ALA G 283 8.87 -9.40 -26.31
CA ALA G 283 8.11 -10.19 -27.27
C ALA G 283 7.14 -9.36 -28.09
N PHE G 284 6.85 -8.11 -27.72
CA PHE G 284 6.08 -7.21 -28.58
C PHE G 284 6.88 -5.97 -28.99
N LEU G 285 8.16 -5.87 -28.61
CA LEU G 285 9.02 -4.80 -29.10
C LEU G 285 10.00 -5.27 -30.17
N ASN G 286 9.97 -6.56 -30.53
CA ASN G 286 10.81 -7.10 -31.59
C ASN G 286 10.15 -7.00 -32.96
N ARG G 287 9.36 -5.95 -33.19
CA ARG G 287 8.60 -5.77 -34.41
C ARG G 287 9.35 -4.83 -35.35
N LYS G 288 9.61 -5.29 -36.57
CA LYS G 288 10.28 -4.46 -37.56
C LYS G 288 9.37 -3.33 -38.02
N SER G 289 9.95 -2.35 -38.71
CA SER G 289 9.16 -1.27 -39.30
C SER G 289 8.02 -1.87 -40.13
N GLN G 290 6.80 -1.47 -39.81
CA GLN G 290 5.63 -2.16 -40.34
C GLN G 290 5.59 -2.16 -41.86
N SER G 291 6.09 -1.10 -42.50
CA SER G 291 5.97 -1.00 -43.95
C SER G 291 6.77 -2.07 -44.68
N LEU G 292 7.73 -2.72 -44.01
CA LEU G 292 8.49 -3.78 -44.67
C LEU G 292 7.62 -5.00 -44.98
N TYR G 293 6.47 -5.14 -44.32
CA TYR G 293 5.51 -6.18 -44.72
C TYR G 293 4.91 -5.91 -46.10
N THR G 294 5.11 -4.70 -46.64
CA THR G 294 4.48 -4.29 -47.89
C THR G 294 5.50 -3.92 -48.96
N THR G 295 6.79 -4.15 -48.72
CA THR G 295 7.84 -3.83 -49.68
C THR G 295 8.67 -5.06 -50.04
N GLY G 296 8.15 -6.25 -49.77
CA GLY G 296 8.79 -7.49 -50.13
C GLY G 296 8.11 -8.18 -51.29
N GLU G 297 8.31 -9.48 -51.38
CA GLU G 297 7.70 -10.28 -52.44
C GLU G 297 6.19 -10.30 -52.27
N ALA H 1 0.88 -32.63 -41.05
CA ALA H 1 1.40 -33.59 -40.05
C ALA H 1 2.15 -32.86 -38.94
N ASP H 2 1.74 -33.09 -37.69
CA ASP H 2 2.36 -32.44 -36.53
C ASP H 2 3.75 -33.03 -36.32
N CYS H 3 4.78 -32.30 -36.72
CA CYS H 3 6.14 -32.83 -36.63
C CYS H 3 6.68 -32.76 -35.21
N ALA H 4 6.46 -31.64 -34.53
CA ALA H 4 6.99 -31.46 -33.18
C ALA H 4 6.11 -30.49 -32.42
N LYS H 5 6.00 -30.72 -31.11
CA LYS H 5 5.24 -29.87 -30.21
C LYS H 5 6.08 -29.64 -28.96
N GLY H 6 6.26 -28.39 -28.59
CA GLY H 6 7.06 -28.05 -27.45
C GLY H 6 7.53 -26.62 -27.50
N LYS H 7 8.41 -26.28 -26.57
CA LYS H 7 8.94 -24.93 -26.46
C LYS H 7 10.27 -24.83 -27.22
N ILE H 8 10.52 -23.65 -27.77
CA ILE H 8 11.70 -23.43 -28.58
C ILE H 8 12.93 -23.43 -27.69
N GLU H 9 13.85 -24.37 -27.93
CA GLU H 9 15.07 -24.44 -27.15
C GLU H 9 16.10 -23.42 -27.62
N PHE H 10 16.19 -23.20 -28.93
CA PHE H 10 16.97 -22.10 -29.48
C PHE H 10 16.40 -21.78 -30.86
N SER H 11 16.72 -20.58 -31.34
CA SER H 11 16.40 -20.16 -32.69
C SER H 11 17.66 -19.59 -33.32
N LYS H 12 17.70 -19.60 -34.65
CA LYS H 12 18.91 -19.21 -35.38
C LYS H 12 18.52 -18.56 -36.69
N TYR H 13 18.92 -17.30 -36.86
CA TYR H 13 18.88 -16.65 -38.17
C TYR H 13 20.04 -17.18 -39.00
N ASN H 14 19.74 -17.70 -40.17
CA ASN H 14 20.73 -18.39 -40.99
C ASN H 14 21.29 -17.47 -42.06
N GLU H 15 22.49 -17.83 -42.55
CA GLU H 15 23.16 -17.00 -43.54
C GLU H 15 22.28 -16.75 -44.76
N ASN H 16 21.48 -17.73 -45.14
CA ASN H 16 20.64 -17.63 -46.33
C ASN H 16 19.27 -17.02 -46.04
N ASP H 17 19.09 -16.41 -44.88
CA ASP H 17 17.87 -15.70 -44.47
C ASP H 17 16.73 -16.63 -44.10
N THR H 18 16.98 -17.93 -43.97
CA THR H 18 16.02 -18.81 -43.35
C THR H 18 16.15 -18.70 -41.83
N PHE H 19 15.19 -19.31 -41.12
CA PHE H 19 15.11 -19.21 -39.67
C PHE H 19 14.88 -20.60 -39.10
N THR H 20 15.74 -21.00 -38.17
CA THR H 20 15.72 -22.33 -37.59
C THR H 20 15.26 -22.27 -36.14
N VAL H 21 14.50 -23.28 -35.71
CA VAL H 21 14.06 -23.42 -34.33
C VAL H 21 14.27 -24.87 -33.93
N LYS H 22 14.69 -25.09 -32.68
CA LYS H 22 14.80 -26.43 -32.12
C LYS H 22 13.59 -26.68 -31.23
N VAL H 23 12.78 -27.67 -31.60
CA VAL H 23 11.58 -28.03 -30.87
C VAL H 23 11.58 -29.55 -30.68
N ALA H 24 11.38 -29.99 -29.44
CA ALA H 24 11.29 -31.41 -29.11
C ALA H 24 12.54 -32.15 -29.59
N GLY H 25 13.70 -31.54 -29.37
CA GLY H 25 14.97 -32.17 -29.67
C GLY H 25 15.36 -32.21 -31.13
N LYS H 26 14.56 -31.62 -32.02
CA LYS H 26 14.84 -31.63 -33.45
C LYS H 26 14.74 -30.22 -34.01
N GLU H 27 15.56 -29.96 -35.03
CA GLU H 27 15.61 -28.65 -35.67
C GLU H 27 14.70 -28.60 -36.89
N TYR H 28 14.17 -27.42 -37.16
CA TYR H 28 13.32 -27.18 -38.33
C TYR H 28 13.51 -25.75 -38.78
N TRP H 29 13.64 -25.54 -40.09
CA TRP H 29 13.89 -24.23 -40.66
C TRP H 29 12.69 -23.78 -41.49
N THR H 30 12.60 -22.45 -41.69
CA THR H 30 11.50 -21.86 -42.42
C THR H 30 12.01 -20.78 -43.36
N ASN H 31 11.40 -20.71 -44.54
CA ASN H 31 11.70 -19.67 -45.52
C ASN H 31 10.85 -18.43 -45.34
N ARG H 32 9.88 -18.46 -44.43
CA ARG H 32 8.92 -17.37 -44.28
C ARG H 32 9.51 -16.31 -43.35
N TRP H 33 9.86 -15.16 -43.93
CA TRP H 33 10.38 -14.06 -43.13
C TRP H 33 9.38 -13.64 -42.06
N ASN H 34 8.09 -13.71 -42.37
CA ASN H 34 7.06 -13.27 -41.43
C ASN H 34 7.08 -14.07 -40.13
N LEU H 35 7.65 -15.27 -40.14
CA LEU H 35 7.62 -16.13 -38.96
C LEU H 35 8.74 -15.82 -37.98
N GLN H 36 9.76 -15.06 -38.39
CA GLN H 36 10.92 -14.85 -37.53
C GLN H 36 10.57 -14.07 -36.27
N PRO H 37 9.94 -12.89 -36.35
CA PRO H 37 9.51 -12.23 -35.11
C PRO H 37 8.50 -13.06 -34.33
N LEU H 38 7.58 -13.73 -35.02
CA LEU H 38 6.61 -14.57 -34.35
C LEU H 38 7.29 -15.71 -33.59
N LEU H 39 8.28 -16.34 -34.22
CA LEU H 39 8.97 -17.46 -33.58
C LEU H 39 9.83 -16.96 -32.41
N GLN H 40 10.47 -15.80 -32.55
CA GLN H 40 11.26 -15.29 -31.43
C GLN H 40 10.36 -14.92 -30.26
N SER H 41 9.23 -14.26 -30.53
CA SER H 41 8.28 -13.95 -29.47
C SER H 41 7.82 -15.22 -28.77
N ALA H 42 7.56 -16.29 -29.53
CA ALA H 42 7.21 -17.57 -28.91
C ALA H 42 8.30 -18.07 -28.00
N GLN H 43 9.56 -17.99 -28.44
CA GLN H 43 10.68 -18.47 -27.63
C GLN H 43 10.83 -17.64 -26.37
N LEU H 44 10.65 -16.32 -26.48
CA LEU H 44 10.86 -15.45 -25.33
C LEU H 44 9.82 -15.70 -24.23
N THR H 45 8.59 -16.04 -24.60
CA THR H 45 7.51 -16.19 -23.64
C THR H 45 7.19 -17.64 -23.33
N GLY H 46 8.05 -18.57 -23.71
CA GLY H 46 7.82 -19.98 -23.41
C GLY H 46 6.55 -20.53 -24.02
N MET H 47 6.11 -19.99 -25.14
CA MET H 47 4.96 -20.54 -25.84
C MET H 47 5.28 -21.95 -26.29
N THR H 48 4.26 -22.82 -26.26
CA THR H 48 4.36 -24.12 -26.88
C THR H 48 3.89 -24.02 -28.33
N VAL H 49 4.74 -24.44 -29.26
CA VAL H 49 4.48 -24.33 -30.68
C VAL H 49 4.33 -25.73 -31.25
N THR H 50 3.41 -25.88 -32.21
CA THR H 50 3.23 -27.12 -32.95
C THR H 50 3.67 -26.90 -34.39
N ILE H 51 4.79 -27.54 -34.76
CA ILE H 51 5.34 -27.48 -36.11
C ILE H 51 4.57 -28.41 -37.04
N LYS H 52 4.05 -27.88 -38.13
CA LYS H 52 3.31 -28.69 -39.09
C LYS H 52 4.01 -28.72 -40.45
N SER H 53 4.26 -29.93 -40.93
CA SER H 53 4.99 -30.14 -42.18
C SER H 53 4.72 -31.56 -42.66
N SER H 54 4.81 -31.76 -43.97
CA SER H 54 4.82 -33.11 -44.52
C SER H 54 6.18 -33.78 -44.34
N THR H 55 7.24 -32.98 -44.22
CA THR H 55 8.61 -33.47 -44.16
C THR H 55 9.14 -33.34 -42.75
N CYS H 56 8.66 -34.21 -41.86
CA CYS H 56 8.95 -34.10 -40.44
C CYS H 56 10.31 -34.67 -40.06
N ALA H 57 11.24 -34.80 -41.00
CA ALA H 57 12.60 -35.20 -40.67
C ALA H 57 13.33 -34.05 -40.00
N SER H 58 14.19 -34.37 -39.03
CA SER H 58 15.03 -33.35 -38.43
C SER H 58 15.85 -32.66 -39.51
N GLY H 59 16.00 -31.34 -39.37
CA GLY H 59 16.67 -30.55 -40.38
C GLY H 59 15.84 -30.24 -41.59
N SER H 60 14.54 -30.53 -41.56
CA SER H 60 13.65 -30.31 -42.69
C SER H 60 12.94 -28.97 -42.54
N GLY H 61 12.30 -28.55 -43.63
CA GLY H 61 11.66 -27.25 -43.68
C GLY H 61 10.19 -27.29 -43.29
N PHE H 62 9.66 -26.11 -42.94
CA PHE H 62 8.27 -25.99 -42.57
C PHE H 62 7.77 -24.59 -42.90
N ALA H 63 6.43 -24.45 -42.91
CA ALA H 63 5.83 -23.14 -43.13
C ALA H 63 4.48 -23.03 -42.42
N GLU H 64 4.20 -23.88 -41.44
CA GLU H 64 2.95 -23.87 -40.69
C GLU H 64 3.27 -24.18 -39.24
N VAL H 65 2.68 -23.41 -38.32
CA VAL H 65 2.98 -23.57 -36.90
C VAL H 65 1.86 -22.93 -36.09
N GLN H 66 1.45 -23.62 -35.04
CA GLN H 66 0.44 -23.15 -34.10
C GLN H 66 1.12 -22.64 -32.84
N PHE H 67 0.63 -21.53 -32.31
CA PHE H 67 1.18 -20.90 -31.11
C PHE H 67 0.16 -21.04 -29.98
N ASN H 68 0.46 -21.88 -28.99
CA ASN H 68 -0.43 -22.13 -27.88
C ASN H 68 0.06 -21.41 -26.62
N ASN H 69 -0.89 -20.99 -25.79
CA ASN H 69 -0.58 -20.21 -24.59
C ASN H 69 -0.02 -21.04 -23.45
N ASP H 70 0.04 -22.36 -23.59
CA ASP H 70 0.61 -23.22 -22.56
C ASP H 70 1.97 -22.69 -22.14
N ALA I 1 29.76 13.02 -34.31
CA ALA I 1 30.15 13.22 -32.89
C ALA I 1 28.99 12.89 -31.96
N ASP I 2 29.30 12.61 -30.70
CA ASP I 2 28.28 12.29 -29.71
C ASP I 2 27.52 13.55 -29.35
N CYS I 3 26.34 13.71 -29.94
CA CYS I 3 25.56 14.93 -29.74
C CYS I 3 24.82 14.92 -28.40
N ALA I 4 24.28 13.77 -28.00
CA ALA I 4 23.54 13.66 -26.75
C ALA I 4 23.65 12.24 -26.23
N LYS I 5 23.58 12.10 -24.91
CA LYS I 5 23.59 10.80 -24.26
C LYS I 5 22.62 10.85 -23.08
N GLY I 6 21.75 9.85 -23.01
CA GLY I 6 20.78 9.76 -21.94
C GLY I 6 19.55 9.02 -22.40
N LYS I 7 18.51 9.06 -21.56
CA LYS I 7 17.25 8.42 -21.84
C LYS I 7 16.37 9.32 -22.69
N ILE I 8 15.44 8.69 -23.40
CA ILE I 8 14.57 9.40 -24.34
C ILE I 8 13.40 9.99 -23.55
N GLU I 9 13.25 11.30 -23.63
CA GLU I 9 12.17 11.93 -22.88
C GLU I 9 10.85 11.91 -23.62
N PHE I 10 10.87 12.05 -24.95
CA PHE I 10 9.67 11.86 -25.74
C PHE I 10 10.12 11.51 -27.15
N SER I 11 9.27 10.79 -27.86
CA SER I 11 9.44 10.49 -29.27
C SER I 11 8.19 10.95 -30.01
N LYS I 12 8.34 11.20 -31.31
CA LYS I 12 7.22 11.70 -32.10
C LYS I 12 7.35 11.24 -33.54
N TYR I 13 6.27 10.69 -34.07
CA TYR I 13 6.15 10.38 -35.49
C TYR I 13 5.59 11.60 -36.20
N ASN I 14 6.29 12.07 -37.22
CA ASN I 14 5.97 13.33 -37.88
C ASN I 14 5.13 13.10 -39.13
N GLU I 15 4.50 14.18 -39.61
CA GLU I 15 3.60 14.08 -40.75
C GLU I 15 4.35 13.76 -42.04
N ASN I 16 5.63 14.09 -42.13
CA ASN I 16 6.46 13.70 -43.26
C ASN I 16 7.11 12.34 -43.06
N ASP I 17 6.64 11.56 -42.08
CA ASP I 17 7.05 10.19 -41.85
C ASP I 17 8.47 10.08 -41.29
N THR I 18 9.02 11.16 -40.74
CA THR I 18 10.26 11.08 -39.98
C THR I 18 9.94 10.86 -38.51
N PHE I 19 10.99 10.67 -37.70
CA PHE I 19 10.83 10.28 -36.30
C PHE I 19 11.77 11.10 -35.44
N THR I 20 11.23 11.77 -34.42
CA THR I 20 11.98 12.66 -33.57
C THR I 20 12.08 12.11 -32.15
N VAL I 21 13.20 12.41 -31.50
CA VAL I 21 13.42 12.07 -30.10
C VAL I 21 14.09 13.26 -29.41
N LYS I 22 13.82 13.41 -28.12
CA LYS I 22 14.44 14.44 -27.29
C LYS I 22 15.35 13.76 -26.27
N VAL I 23 16.64 14.09 -26.31
CA VAL I 23 17.63 13.49 -25.43
C VAL I 23 18.53 14.59 -24.89
N ALA I 24 18.70 14.63 -23.58
CA ALA I 24 19.52 15.66 -22.92
C ALA I 24 19.02 17.06 -23.25
N GLY I 25 17.69 17.23 -23.23
CA GLY I 25 17.08 18.50 -23.53
C GLY I 25 17.06 18.91 -24.98
N LYS I 26 17.65 18.11 -25.88
CA LYS I 26 17.85 18.47 -27.27
C LYS I 26 17.04 17.52 -28.15
N GLU I 27 16.43 18.06 -29.18
CA GLU I 27 15.65 17.29 -30.13
C GLU I 27 16.49 16.91 -31.34
N TYR I 28 16.28 15.69 -31.83
CA TYR I 28 16.91 15.21 -33.06
C TYR I 28 15.93 14.31 -33.80
N TRP I 29 16.07 14.29 -35.12
CA TRP I 29 15.15 13.56 -35.99
C TRP I 29 15.95 12.70 -36.95
N THR I 30 15.28 11.68 -37.50
CA THR I 30 15.92 10.77 -38.44
C THR I 30 14.94 10.39 -39.54
N ASN I 31 15.50 10.11 -40.72
CA ASN I 31 14.75 9.67 -41.88
C ASN I 31 14.66 8.15 -41.99
N ARG I 32 15.39 7.42 -41.15
CA ARG I 32 15.52 5.98 -41.27
C ARG I 32 14.32 5.33 -40.59
N TRP I 33 13.45 4.70 -41.39
CA TRP I 33 12.26 4.07 -40.83
C TRP I 33 12.61 2.90 -39.93
N ASN I 34 13.75 2.24 -40.17
CA ASN I 34 14.14 1.12 -39.33
C ASN I 34 14.48 1.54 -37.90
N LEU I 35 14.79 2.82 -37.69
CA LEU I 35 15.13 3.30 -36.35
C LEU I 35 13.89 3.56 -35.51
N GLN I 36 12.70 3.63 -36.12
CA GLN I 36 11.51 3.98 -35.36
C GLN I 36 11.18 2.94 -34.29
N PRO I 37 11.03 1.65 -34.61
CA PRO I 37 10.81 0.66 -33.53
C PRO I 37 11.97 0.58 -32.56
N LEU I 38 13.20 0.71 -33.06
CA LEU I 38 14.36 0.63 -32.18
C LEU I 38 14.36 1.74 -31.15
N LEU I 39 13.88 2.93 -31.53
CA LEU I 39 13.95 4.08 -30.63
C LEU I 39 12.78 4.10 -29.66
N GLN I 40 11.57 3.76 -30.11
CA GLN I 40 10.46 3.65 -29.17
C GLN I 40 10.75 2.57 -28.13
N SER I 41 11.32 1.44 -28.57
CA SER I 41 11.69 0.40 -27.63
C SER I 41 12.68 0.91 -26.59
N ALA I 42 13.69 1.68 -27.03
CA ALA I 42 14.64 2.25 -26.09
C ALA I 42 13.94 3.18 -25.11
N GLN I 43 13.05 4.03 -25.61
CA GLN I 43 12.33 4.93 -24.71
C GLN I 43 11.53 4.16 -23.67
N LEU I 44 10.89 3.06 -24.08
CA LEU I 44 10.00 2.35 -23.17
C LEU I 44 10.79 1.56 -22.13
N THR I 45 11.92 0.99 -22.51
CA THR I 45 12.73 0.18 -21.62
C THR I 45 13.78 0.98 -20.87
N GLY I 46 13.78 2.31 -21.02
CA GLY I 46 14.73 3.14 -20.30
C GLY I 46 16.18 2.88 -20.63
N MET I 47 16.48 2.62 -21.89
CA MET I 47 17.86 2.44 -22.31
C MET I 47 18.54 3.80 -22.47
N THR I 48 19.85 3.81 -22.24
CA THR I 48 20.67 5.00 -22.51
C THR I 48 21.08 4.97 -23.97
N VAL I 49 20.67 6.00 -24.73
CA VAL I 49 21.00 6.10 -26.14
C VAL I 49 21.95 7.27 -26.34
N THR I 50 22.89 7.12 -27.26
CA THR I 50 23.83 8.18 -27.62
C THR I 50 23.67 8.49 -29.11
N ILE I 51 23.16 9.68 -29.41
CA ILE I 51 22.96 10.10 -30.78
C ILE I 51 24.27 10.61 -31.35
N LYS I 52 24.58 10.19 -32.57
CA LYS I 52 25.85 10.50 -33.21
C LYS I 52 25.55 11.09 -34.58
N SER I 53 26.03 12.29 -34.85
CA SER I 53 25.65 13.00 -36.07
C SER I 53 26.75 13.97 -36.45
N SER I 54 26.65 14.50 -37.67
CA SER I 54 27.55 15.58 -38.11
C SER I 54 27.24 16.85 -37.33
N THR I 55 25.96 17.05 -37.11
CA THR I 55 25.43 18.28 -36.57
C THR I 55 24.85 17.99 -35.19
N CYS I 56 25.36 18.68 -34.19
CA CYS I 56 24.92 18.45 -32.80
C CYS I 56 24.16 19.63 -32.22
N ALA I 57 23.32 20.26 -33.04
CA ALA I 57 22.42 21.31 -32.61
C ALA I 57 21.00 20.76 -32.54
N SER I 58 20.26 21.17 -31.51
CA SER I 58 18.87 20.75 -31.37
C SER I 58 18.09 21.09 -32.63
N GLY I 59 17.26 20.15 -33.08
CA GLY I 59 16.56 20.27 -34.34
C GLY I 59 17.28 19.64 -35.52
N SER I 60 18.44 19.05 -35.29
CA SER I 60 19.28 18.52 -36.34
C SER I 60 18.93 17.06 -36.64
N GLY I 61 19.48 16.56 -37.75
CA GLY I 61 19.22 15.21 -38.18
C GLY I 61 20.31 14.25 -37.77
N PHE I 62 19.95 12.97 -37.68
CA PHE I 62 20.90 11.94 -37.30
C PHE I 62 20.50 10.62 -37.94
N ALA I 63 21.48 9.72 -38.07
CA ALA I 63 21.25 8.38 -38.56
C ALA I 63 22.18 7.36 -37.88
N GLU I 64 22.75 7.71 -36.73
CA GLU I 64 23.59 6.83 -35.94
C GLU I 64 23.22 6.99 -34.49
N VAL I 65 23.13 5.87 -33.77
CA VAL I 65 22.71 5.91 -32.36
C VAL I 65 23.08 4.59 -31.71
N GLN I 66 23.64 4.68 -30.52
CA GLN I 66 24.03 3.53 -29.71
C GLN I 66 22.98 3.27 -28.64
N PHE I 67 22.78 1.99 -28.33
CA PHE I 67 21.78 1.57 -27.35
C PHE I 67 22.45 0.80 -26.23
N ASN I 68 22.31 1.30 -24.99
CA ASN I 68 22.81 0.63 -23.80
C ASN I 68 21.66 0.40 -22.83
N ASN I 69 21.62 -0.80 -22.26
CA ASN I 69 20.55 -1.14 -21.31
C ASN I 69 20.59 -0.22 -20.10
N ASP I 70 21.78 0.04 -19.56
CA ASP I 70 21.93 0.92 -18.41
C ASP I 70 22.76 2.15 -18.77
N ALA J 1 -20.02 -6.93 -38.25
CA ALA J 1 -20.61 -7.70 -37.12
C ALA J 1 -19.52 -8.16 -36.15
N ASP J 2 -19.84 -8.16 -34.86
CA ASP J 2 -18.91 -8.63 -33.83
C ASP J 2 -19.01 -10.14 -33.76
N CYS J 3 -18.09 -10.84 -34.43
CA CYS J 3 -18.18 -12.30 -34.52
C CYS J 3 -17.74 -12.97 -33.24
N ALA J 4 -16.62 -12.53 -32.66
CA ALA J 4 -16.10 -13.15 -31.45
C ALA J 4 -15.41 -12.08 -30.62
N LYS J 5 -15.49 -12.23 -29.31
CA LYS J 5 -14.82 -11.33 -28.37
C LYS J 5 -14.20 -12.15 -27.25
N GLY J 6 -13.00 -11.76 -26.85
CA GLY J 6 -12.27 -12.48 -25.82
C GLY J 6 -10.79 -12.42 -26.12
N LYS J 7 -10.02 -13.12 -25.29
CA LYS J 7 -8.59 -13.25 -25.49
C LYS J 7 -8.31 -14.37 -26.49
N ILE J 8 -7.17 -14.26 -27.17
CA ILE J 8 -6.82 -15.24 -28.21
C ILE J 8 -6.40 -16.54 -27.53
N GLU J 9 -7.09 -17.63 -27.90
CA GLU J 9 -6.83 -18.95 -27.32
C GLU J 9 -5.55 -19.56 -27.88
N PHE J 10 -5.43 -19.61 -29.20
CA PHE J 10 -4.18 -19.96 -29.87
C PHE J 10 -4.15 -19.18 -31.19
N SER J 11 -2.99 -19.17 -31.81
CA SER J 11 -2.80 -18.59 -33.13
C SER J 11 -2.01 -19.57 -33.98
N LYS J 12 -2.19 -19.49 -35.29
CA LYS J 12 -1.52 -20.40 -36.22
C LYS J 12 -1.07 -19.62 -37.45
N TYR J 13 0.16 -19.84 -37.86
CA TYR J 13 0.66 -19.35 -39.13
C TYR J 13 0.46 -20.44 -40.18
N ASN J 14 -0.35 -20.16 -41.19
CA ASN J 14 -0.75 -21.16 -42.17
C ASN J 14 0.20 -21.19 -43.36
N GLU J 15 0.23 -22.33 -44.05
CA GLU J 15 1.17 -22.52 -45.15
C GLU J 15 0.93 -21.52 -46.28
N ASN J 16 -0.32 -21.13 -46.51
CA ASN J 16 -0.62 -20.14 -47.54
C ASN J 16 -0.36 -18.70 -47.07
N ASP J 17 0.32 -18.54 -45.93
CA ASP J 17 0.79 -17.27 -45.39
C ASP J 17 -0.32 -16.44 -44.76
N THR J 18 -1.50 -17.03 -44.52
CA THR J 18 -2.52 -16.38 -43.72
C THR J 18 -2.29 -16.66 -42.24
N PHE J 19 -3.05 -15.98 -41.38
CA PHE J 19 -2.87 -16.06 -39.94
C PHE J 19 -4.20 -16.30 -39.27
N THR J 20 -4.26 -17.30 -38.39
CA THR J 20 -5.49 -17.71 -37.75
C THR J 20 -5.43 -17.45 -36.25
N VAL J 21 -6.54 -16.94 -35.70
CA VAL J 21 -6.73 -16.79 -34.28
C VAL J 21 -7.98 -17.57 -33.88
N LYS J 22 -7.97 -18.12 -32.67
CA LYS J 22 -9.15 -18.74 -32.08
C LYS J 22 -9.64 -17.85 -30.95
N VAL J 23 -10.83 -17.26 -31.12
CA VAL J 23 -11.40 -16.35 -30.14
C VAL J 23 -12.81 -16.84 -29.80
N ALA J 24 -13.13 -16.88 -28.51
CA ALA J 24 -14.44 -17.29 -28.04
C ALA J 24 -14.87 -18.60 -28.70
N GLY J 25 -13.94 -19.56 -28.73
CA GLY J 25 -14.22 -20.87 -29.25
C GLY J 25 -14.26 -21.00 -30.76
N LYS J 26 -14.09 -19.89 -31.50
CA LYS J 26 -14.30 -19.87 -32.94
C LYS J 26 -13.03 -19.38 -33.62
N GLU J 27 -12.73 -20.00 -34.75
CA GLU J 27 -11.51 -19.70 -35.51
C GLU J 27 -11.80 -18.72 -36.64
N TYR J 28 -10.88 -17.78 -36.83
CA TYR J 28 -10.93 -16.84 -37.93
C TYR J 28 -9.52 -16.61 -38.46
N TRP J 29 -9.41 -16.45 -39.77
CA TRP J 29 -8.13 -16.23 -40.44
C TRP J 29 -8.16 -14.89 -41.15
N THR J 30 -6.97 -14.34 -41.42
CA THR J 30 -6.90 -13.05 -42.09
C THR J 30 -5.80 -13.03 -43.14
N ASN J 31 -6.08 -12.24 -44.20
CA ASN J 31 -5.20 -12.06 -45.34
C ASN J 31 -4.05 -11.10 -45.03
N ARG J 32 -4.25 -10.20 -44.09
CA ARG J 32 -3.40 -9.02 -43.98
C ARG J 32 -2.16 -9.34 -43.15
N TRP J 33 -1.00 -9.26 -43.80
CA TRP J 33 0.26 -9.53 -43.11
C TRP J 33 0.51 -8.52 -41.99
N ASN J 34 0.04 -7.29 -42.16
CA ASN J 34 0.21 -6.27 -41.12
C ASN J 34 -0.36 -6.73 -39.78
N LEU J 35 -1.44 -7.51 -39.82
CA LEU J 35 -2.14 -7.87 -38.59
C LEU J 35 -1.39 -8.90 -37.75
N GLN J 36 -0.47 -9.68 -38.33
CA GLN J 36 0.15 -10.77 -37.60
C GLN J 36 0.88 -10.32 -36.35
N PRO J 37 1.82 -9.37 -36.43
CA PRO J 37 2.51 -8.94 -35.20
C PRO J 37 1.53 -8.37 -34.19
N LEU J 38 0.51 -7.66 -34.67
CA LEU J 38 -0.48 -7.08 -33.77
C LEU J 38 -1.28 -8.17 -33.07
N LEU J 39 -1.74 -9.16 -33.84
CA LEU J 39 -2.56 -10.22 -33.25
C LEU J 39 -1.74 -11.07 -32.28
N GLN J 40 -0.51 -11.42 -32.65
CA GLN J 40 0.31 -12.22 -31.73
C GLN J 40 0.65 -11.42 -30.47
N SER J 41 0.98 -10.14 -30.61
CA SER J 41 1.24 -9.31 -29.45
C SER J 41 0.02 -9.28 -28.54
N ALA J 42 -1.18 -9.21 -29.12
CA ALA J 42 -2.40 -9.28 -28.33
C ALA J 42 -2.49 -10.61 -27.59
N GLN J 43 -2.13 -11.71 -28.26
CA GLN J 43 -2.24 -13.02 -27.64
C GLN J 43 -1.33 -13.13 -26.42
N LEU J 44 -0.04 -12.84 -26.59
CA LEU J 44 0.92 -13.07 -25.52
C LEU J 44 0.81 -12.05 -24.39
N THR J 45 0.12 -10.94 -24.60
CA THR J 45 -0.14 -9.97 -23.54
C THR J 45 -1.53 -10.09 -22.93
N GLY J 46 -2.39 -10.95 -23.48
CA GLY J 46 -3.71 -11.14 -22.93
C GLY J 46 -4.69 -10.03 -23.24
N MET J 47 -4.57 -9.40 -24.41
CA MET J 47 -5.53 -8.39 -24.81
C MET J 47 -6.86 -9.04 -25.17
N THR J 48 -7.94 -8.30 -24.96
CA THR J 48 -9.25 -8.69 -25.46
C THR J 48 -9.39 -8.18 -26.89
N VAL J 49 -9.65 -9.09 -27.83
CA VAL J 49 -9.84 -8.73 -29.23
C VAL J 49 -11.31 -8.95 -29.58
N THR J 50 -11.83 -8.07 -30.43
CA THR J 50 -13.18 -8.23 -30.99
C THR J 50 -13.02 -8.38 -32.50
N ILE J 51 -13.19 -9.62 -33.00
CA ILE J 51 -13.12 -9.86 -34.43
C ILE J 51 -14.39 -9.33 -35.09
N LYS J 52 -14.22 -8.61 -36.20
CA LYS J 52 -15.32 -8.00 -36.92
C LYS J 52 -15.25 -8.40 -38.38
N SER J 53 -16.37 -8.86 -38.92
CA SER J 53 -16.44 -9.30 -40.31
C SER J 53 -17.89 -9.26 -40.74
N SER J 54 -18.11 -9.27 -42.05
CA SER J 54 -19.45 -9.45 -42.59
C SER J 54 -19.83 -10.93 -42.66
N THR J 55 -18.94 -11.83 -42.26
CA THR J 55 -19.17 -13.27 -42.34
C THR J 55 -18.57 -13.91 -41.09
N CYS J 56 -19.43 -14.34 -40.16
CA CYS J 56 -18.98 -14.75 -38.83
C CYS J 56 -18.99 -16.26 -38.60
N ALA J 57 -19.19 -17.05 -39.64
CA ALA J 57 -19.09 -18.50 -39.49
C ALA J 57 -17.65 -18.87 -39.16
N SER J 58 -17.47 -19.71 -38.13
CA SER J 58 -16.14 -20.11 -37.72
C SER J 58 -15.37 -20.71 -38.90
N GLY J 59 -14.23 -20.11 -39.23
CA GLY J 59 -13.51 -20.40 -40.45
C GLY J 59 -13.58 -19.30 -41.48
N SER J 60 -14.39 -18.26 -41.22
CA SER J 60 -14.54 -17.16 -42.15
C SER J 60 -13.36 -16.20 -42.04
N GLY J 61 -13.06 -15.53 -43.15
CA GLY J 61 -12.00 -14.56 -43.16
C GLY J 61 -12.42 -13.26 -42.49
N PHE J 62 -11.43 -12.53 -41.98
CA PHE J 62 -11.67 -11.24 -41.36
C PHE J 62 -10.49 -10.32 -41.64
N ALA J 63 -10.77 -9.02 -41.57
CA ALA J 63 -9.73 -8.00 -41.72
C ALA J 63 -10.05 -6.76 -40.89
N GLU J 64 -10.88 -6.88 -39.87
CA GLU J 64 -11.21 -5.81 -38.95
C GLU J 64 -11.21 -6.37 -37.54
N VAL J 65 -10.47 -5.74 -36.63
CA VAL J 65 -10.29 -6.27 -35.28
C VAL J 65 -9.97 -5.13 -34.33
N GLN J 66 -10.64 -5.11 -33.18
CA GLN J 66 -10.38 -4.12 -32.15
C GLN J 66 -9.58 -4.73 -31.02
N PHE J 67 -8.71 -3.91 -30.41
CA PHE J 67 -7.82 -4.34 -29.34
C PHE J 67 -8.12 -3.54 -28.09
N ASN J 68 -8.40 -4.24 -26.99
CA ASN J 68 -8.61 -3.63 -25.68
C ASN J 68 -7.69 -4.31 -24.68
N ASN J 69 -7.07 -3.52 -23.80
CA ASN J 69 -6.21 -4.08 -22.76
C ASN J 69 -6.99 -5.00 -21.84
N ASP J 70 -8.18 -4.58 -21.42
CA ASP J 70 -9.00 -5.36 -20.51
C ASP J 70 -10.35 -5.70 -21.13
N ALA K 1 -2.33 21.09 -34.57
CA ALA K 1 -2.76 21.44 -33.19
C ALA K 1 -3.00 20.18 -32.36
N ASP K 2 -2.63 20.25 -31.07
CA ASP K 2 -2.83 19.13 -30.17
C ASP K 2 -4.31 18.79 -30.04
N CYS K 3 -4.76 17.77 -30.77
CA CYS K 3 -6.19 17.46 -30.78
C CYS K 3 -6.62 16.61 -29.59
N ALA K 4 -5.71 15.81 -29.02
CA ALA K 4 -6.07 14.93 -27.93
C ALA K 4 -4.80 14.44 -27.24
N LYS K 5 -4.86 14.32 -25.92
CA LYS K 5 -3.75 13.81 -25.12
C LYS K 5 -4.32 12.83 -24.09
N GLY K 6 -3.60 11.76 -23.86
CA GLY K 6 -4.01 10.77 -22.88
C GLY K 6 -3.62 9.37 -23.32
N LYS K 7 -4.14 8.39 -22.60
CA LYS K 7 -3.87 6.99 -22.89
C LYS K 7 -4.82 6.49 -23.99
N ILE K 8 -4.37 5.43 -24.67
CA ILE K 8 -5.16 4.85 -25.75
C ILE K 8 -6.20 3.91 -25.12
N GLU K 9 -7.47 4.34 -25.14
CA GLU K 9 -8.53 3.51 -24.58
C GLU K 9 -8.66 2.19 -25.34
N PHE K 10 -8.81 2.26 -26.66
CA PHE K 10 -8.74 1.07 -27.50
C PHE K 10 -8.11 1.46 -28.83
N SER K 11 -7.75 0.45 -29.61
CA SER K 11 -7.27 0.62 -30.97
C SER K 11 -7.91 -0.44 -31.85
N LYS K 12 -7.87 -0.20 -33.16
CA LYS K 12 -8.64 -1.04 -34.08
C LYS K 12 -7.99 -1.03 -35.45
N TYR K 13 -7.76 -2.22 -36.00
CA TYR K 13 -7.33 -2.36 -37.38
C TYR K 13 -8.57 -2.39 -38.27
N ASN K 14 -8.63 -1.48 -39.23
CA ASN K 14 -9.80 -1.33 -40.09
C ASN K 14 -9.61 -2.07 -41.40
N GLU K 15 -10.73 -2.46 -42.02
CA GLU K 15 -10.66 -3.22 -43.27
C GLU K 15 -10.05 -2.40 -44.40
N ASN K 16 -10.11 -1.07 -44.33
CA ASN K 16 -9.43 -0.22 -45.29
C ASN K 16 -7.93 -0.11 -45.01
N ASP K 17 -7.41 -0.93 -44.10
CA ASP K 17 -6.00 -1.01 -43.74
C ASP K 17 -5.50 0.22 -42.99
N THR K 18 -6.37 1.16 -42.66
CA THR K 18 -6.02 2.21 -41.71
C THR K 18 -6.14 1.66 -40.28
N PHE K 19 -5.73 2.48 -39.32
CA PHE K 19 -5.62 2.07 -37.93
C PHE K 19 -6.16 3.17 -37.04
N THR K 20 -7.00 2.80 -36.08
CA THR K 20 -7.74 3.77 -35.28
C THR K 20 -7.36 3.65 -33.81
N VAL K 21 -7.30 4.80 -33.15
CA VAL K 21 -7.09 4.90 -31.72
C VAL K 21 -8.17 5.81 -31.16
N LYS K 22 -8.52 5.55 -29.89
CA LYS K 22 -9.44 6.38 -29.12
C LYS K 22 -8.67 7.04 -27.98
N VAL K 23 -8.51 8.35 -28.06
CA VAL K 23 -7.76 9.11 -27.07
C VAL K 23 -8.63 10.26 -26.57
N ALA K 24 -8.69 10.42 -25.25
CA ALA K 24 -9.45 11.50 -24.64
C ALA K 24 -10.91 11.49 -25.11
N GLY K 25 -11.46 10.30 -25.30
CA GLY K 25 -12.85 10.15 -25.69
C GLY K 25 -13.13 10.21 -27.18
N LYS K 26 -12.13 10.47 -28.02
CA LYS K 26 -12.33 10.80 -29.42
C LYS K 26 -11.53 9.81 -30.24
N GLU K 27 -12.12 9.35 -31.33
CA GLU K 27 -11.49 8.41 -32.24
C GLU K 27 -10.73 9.16 -33.34
N TYR K 28 -9.60 8.60 -33.73
CA TYR K 28 -8.82 9.13 -34.84
C TYR K 28 -8.18 7.96 -35.58
N TRP K 29 -8.02 8.12 -36.90
CA TRP K 29 -7.45 7.09 -37.76
C TRP K 29 -6.22 7.64 -38.47
N THR K 30 -5.28 6.75 -38.79
CA THR K 30 -4.10 7.09 -39.56
C THR K 30 -3.90 6.08 -40.66
N ASN K 31 -3.36 6.55 -41.78
CA ASN K 31 -2.98 5.69 -42.91
C ASN K 31 -1.50 5.37 -42.91
N ARG K 32 -0.73 5.89 -41.95
CA ARG K 32 0.69 5.61 -41.84
C ARG K 32 0.85 4.28 -41.12
N TRP K 33 1.24 3.24 -41.85
CA TRP K 33 1.23 1.89 -41.30
C TRP K 33 2.40 1.64 -40.37
N ASN K 34 3.48 2.42 -40.47
CA ASN K 34 4.55 2.31 -39.49
C ASN K 34 4.06 2.56 -38.08
N LEU K 35 2.93 3.27 -37.91
CA LEU K 35 2.43 3.65 -36.61
C LEU K 35 1.68 2.51 -35.90
N GLN K 36 1.29 1.46 -36.62
CA GLN K 36 0.43 0.44 -36.03
C GLN K 36 1.10 -0.30 -34.89
N PRO K 37 2.26 -0.94 -35.07
CA PRO K 37 2.92 -1.58 -33.92
C PRO K 37 3.35 -0.59 -32.85
N LEU K 38 3.69 0.64 -33.23
CA LEU K 38 4.13 1.62 -32.25
C LEU K 38 2.96 2.15 -31.43
N LEU K 39 1.79 2.30 -32.05
CA LEU K 39 0.61 2.70 -31.29
C LEU K 39 0.16 1.60 -30.34
N GLN K 40 0.32 0.34 -30.73
CA GLN K 40 -0.07 -0.76 -29.86
C GLN K 40 0.92 -0.93 -28.71
N SER K 41 2.22 -0.78 -28.99
CA SER K 41 3.19 -0.75 -27.90
C SER K 41 2.83 0.32 -26.89
N ALA K 42 2.46 1.51 -27.37
CA ALA K 42 2.05 2.58 -26.47
C ALA K 42 0.81 2.20 -25.67
N GLN K 43 -0.21 1.69 -26.35
CA GLN K 43 -1.42 1.27 -25.65
C GLN K 43 -1.10 0.22 -24.59
N LEU K 44 -0.26 -0.76 -24.93
CA LEU K 44 0.04 -1.83 -24.01
C LEU K 44 0.73 -1.33 -22.74
N THR K 45 1.52 -0.26 -22.85
CA THR K 45 2.35 0.20 -21.75
C THR K 45 1.76 1.40 -21.02
N GLY K 46 0.63 1.93 -21.48
CA GLY K 46 0.05 3.09 -20.85
C GLY K 46 0.74 4.39 -21.16
N MET K 47 1.42 4.47 -22.30
CA MET K 47 2.01 5.74 -22.71
C MET K 47 0.94 6.80 -22.85
N THR K 48 1.32 8.05 -22.57
CA THR K 48 0.45 9.20 -22.83
C THR K 48 0.81 9.74 -24.21
N VAL K 49 -0.07 9.54 -25.18
CA VAL K 49 0.17 9.97 -26.55
C VAL K 49 -0.56 11.28 -26.80
N THR K 50 0.03 12.12 -27.64
CA THR K 50 -0.53 13.41 -28.02
C THR K 50 -0.83 13.37 -29.51
N ILE K 51 -2.11 13.34 -29.87
CA ILE K 51 -2.50 13.29 -31.27
C ILE K 51 -2.49 14.71 -31.83
N LYS K 52 -1.70 14.93 -32.87
CA LYS K 52 -1.58 16.23 -33.51
C LYS K 52 -2.06 16.11 -34.96
N SER K 53 -2.74 17.14 -35.45
CA SER K 53 -3.33 17.07 -36.78
C SER K 53 -3.90 18.45 -37.11
N SER K 54 -4.30 18.60 -38.37
CA SER K 54 -5.07 19.77 -38.75
C SER K 54 -6.55 19.53 -38.53
N THR K 55 -7.03 18.32 -38.84
CA THR K 55 -8.43 17.92 -38.64
C THR K 55 -8.53 17.23 -37.28
N CYS K 56 -8.95 17.98 -36.26
CA CYS K 56 -8.95 17.48 -34.89
C CYS K 56 -10.33 17.05 -34.40
N ALA K 57 -11.29 16.89 -35.31
CA ALA K 57 -12.61 16.41 -34.93
C ALA K 57 -12.60 14.89 -34.77
N SER K 58 -13.51 14.38 -33.94
CA SER K 58 -13.55 12.96 -33.63
C SER K 58 -13.97 12.17 -34.86
N GLY K 59 -13.14 11.21 -35.26
CA GLY K 59 -13.34 10.46 -36.48
C GLY K 59 -12.52 10.91 -37.65
N SER K 60 -11.56 11.81 -37.44
CA SER K 60 -10.77 12.40 -38.51
C SER K 60 -9.44 11.67 -38.62
N GLY K 61 -8.66 12.08 -39.63
CA GLY K 61 -7.36 11.50 -39.85
C GLY K 61 -6.25 12.25 -39.14
N PHE K 62 -5.13 11.55 -38.94
CA PHE K 62 -3.94 12.14 -38.37
C PHE K 62 -2.72 11.38 -38.89
N ALA K 63 -1.57 12.04 -38.83
CA ALA K 63 -0.32 11.41 -39.22
C ALA K 63 0.84 11.85 -38.32
N GLU K 64 0.55 12.46 -37.18
CA GLU K 64 1.56 12.97 -36.27
C GLU K 64 1.11 12.66 -34.85
N VAL K 65 2.02 12.14 -34.03
CA VAL K 65 1.70 11.77 -32.66
C VAL K 65 2.97 11.78 -31.84
N GLN K 66 2.90 12.34 -30.64
CA GLN K 66 3.98 12.32 -29.67
C GLN K 66 3.73 11.21 -28.65
N PHE K 67 4.80 10.50 -28.28
CA PHE K 67 4.74 9.46 -27.27
C PHE K 67 5.46 9.96 -26.03
N ASN K 68 4.76 9.95 -24.89
CA ASN K 68 5.32 10.44 -23.63
C ASN K 68 5.26 9.37 -22.56
N ASN K 69 6.30 9.29 -21.74
CA ASN K 69 6.25 8.47 -20.54
C ASN K 69 5.54 9.22 -19.42
N ASP K 70 5.00 8.47 -18.47
CA ASP K 70 4.41 9.06 -17.28
C ASP K 70 5.48 9.89 -16.56
N ALA L 1 31.61 -20.66 -38.16
CA ALA L 1 32.47 -20.67 -36.96
C ALA L 1 31.89 -19.78 -35.86
N ASP L 2 31.85 -20.30 -34.63
CA ASP L 2 31.35 -19.55 -33.49
C ASP L 2 32.34 -18.46 -33.14
N CYS L 3 32.00 -17.21 -33.48
CA CYS L 3 32.91 -16.10 -33.24
C CYS L 3 32.85 -15.62 -31.80
N ALA L 4 31.66 -15.63 -31.20
CA ALA L 4 31.48 -15.08 -29.86
C ALA L 4 30.14 -15.52 -29.28
N LYS L 5 30.15 -15.93 -28.01
CA LYS L 5 28.97 -16.36 -27.30
C LYS L 5 28.84 -15.54 -26.03
N GLY L 6 27.68 -14.93 -25.83
CA GLY L 6 27.44 -14.13 -24.65
C GLY L 6 26.28 -13.19 -24.85
N LYS L 7 26.11 -12.30 -23.88
CA LYS L 7 25.06 -11.29 -23.94
C LYS L 7 25.51 -10.11 -24.79
N ILE L 8 24.53 -9.35 -25.28
CA ILE L 8 24.80 -8.15 -26.07
C ILE L 8 25.10 -7.01 -25.11
N GLU L 9 26.34 -6.52 -25.14
CA GLU L 9 26.74 -5.43 -24.26
C GLU L 9 26.13 -4.11 -24.70
N PHE L 10 26.24 -3.79 -25.99
CA PHE L 10 25.51 -2.67 -26.57
C PHE L 10 25.24 -3.01 -28.03
N SER L 11 24.36 -2.22 -28.64
CA SER L 11 24.06 -2.31 -30.06
C SER L 11 24.10 -0.90 -30.63
N LYS L 12 24.28 -0.81 -31.94
CA LYS L 12 24.37 0.50 -32.58
C LYS L 12 23.79 0.44 -33.98
N TYR L 13 22.90 1.38 -34.27
CA TYR L 13 22.45 1.63 -35.63
C TYR L 13 23.47 2.54 -36.31
N ASN L 14 24.01 2.11 -37.43
CA ASN L 14 25.06 2.83 -38.13
C ASN L 14 24.49 3.66 -39.27
N GLU L 15 25.22 4.72 -39.63
CA GLU L 15 24.74 5.64 -40.67
C GLU L 15 24.56 4.95 -42.01
N ASN L 16 25.27 3.86 -42.26
CA ASN L 16 25.11 3.10 -43.49
C ASN L 16 24.00 2.05 -43.40
N ASP L 17 23.22 2.07 -42.32
CA ASP L 17 22.02 1.26 -42.13
C ASP L 17 22.31 -0.20 -41.82
N THR L 18 23.55 -0.54 -41.47
CA THR L 18 23.83 -1.83 -40.86
C THR L 18 23.61 -1.71 -39.35
N PHE L 19 23.76 -2.83 -38.64
CA PHE L 19 23.45 -2.91 -37.22
C PHE L 19 24.56 -3.68 -36.53
N THR L 20 25.14 -3.09 -35.48
CA THR L 20 26.28 -3.67 -34.79
C THR L 20 25.88 -4.10 -33.38
N VAL L 21 26.46 -5.22 -32.93
CA VAL L 21 26.32 -5.69 -31.56
C VAL L 21 27.72 -6.01 -31.04
N LYS L 22 27.94 -5.75 -29.76
CA LYS L 22 29.17 -6.14 -29.08
C LYS L 22 28.87 -7.37 -28.22
N VAL L 23 29.57 -8.47 -28.48
CA VAL L 23 29.38 -9.71 -27.74
C VAL L 23 30.75 -10.27 -27.38
N ALA L 24 30.93 -10.64 -26.11
CA ALA L 24 32.20 -11.19 -25.62
C ALA L 24 33.36 -10.29 -25.99
N GLY L 25 33.12 -8.98 -25.95
CA GLY L 25 34.16 -8.00 -26.15
C GLY L 25 34.45 -7.60 -27.58
N LYS L 26 33.75 -8.19 -28.55
CA LYS L 26 34.04 -7.96 -29.96
C LYS L 26 32.79 -7.43 -30.65
N GLU L 27 32.99 -6.48 -31.57
CA GLU L 27 31.90 -5.87 -32.31
C GLU L 27 31.72 -6.58 -33.65
N TYR L 28 30.46 -6.82 -34.02
CA TYR L 28 30.11 -7.42 -35.29
C TYR L 28 28.87 -6.72 -35.84
N TRP L 29 28.77 -6.63 -37.16
CA TRP L 29 27.67 -5.95 -37.82
C TRP L 29 26.99 -6.88 -38.81
N THR L 30 25.73 -6.58 -39.11
CA THR L 30 24.97 -7.33 -40.10
C THR L 30 24.21 -6.35 -41.00
N ASN L 31 23.97 -6.79 -42.23
CA ASN L 31 23.20 -6.01 -43.21
C ASN L 31 21.72 -6.36 -43.19
N ARG L 32 21.33 -7.44 -42.54
CA ARG L 32 19.95 -7.93 -42.59
C ARG L 32 19.09 -7.08 -41.67
N TRP L 33 18.14 -6.34 -42.26
CA TRP L 33 17.27 -5.49 -41.45
C TRP L 33 16.44 -6.30 -40.48
N ASN L 34 16.02 -7.49 -40.90
CA ASN L 34 15.12 -8.30 -40.07
C ASN L 34 15.75 -8.63 -38.73
N LEU L 35 17.07 -8.67 -38.64
CA LEU L 35 17.73 -9.01 -37.39
C LEU L 35 17.71 -7.87 -36.38
N GLN L 36 17.53 -6.62 -36.83
CA GLN L 36 17.63 -5.48 -35.93
C GLN L 36 16.68 -5.59 -34.74
N PRO L 37 15.37 -5.72 -34.93
CA PRO L 37 14.48 -5.87 -33.76
C PRO L 37 14.74 -7.16 -32.97
N LEU L 38 15.09 -8.24 -33.67
CA LEU L 38 15.38 -9.49 -32.98
C LEU L 38 16.56 -9.33 -32.03
N LEU L 39 17.62 -8.66 -32.48
CA LEU L 39 18.81 -8.52 -31.65
C LEU L 39 18.57 -7.55 -30.50
N GLN L 40 17.78 -6.50 -30.73
CA GLN L 40 17.53 -5.54 -29.65
C GLN L 40 16.74 -6.19 -28.52
N SER L 41 15.72 -6.98 -28.86
CA SER L 41 14.95 -7.66 -27.83
C SER L 41 15.79 -8.67 -27.07
N ALA L 42 16.73 -9.34 -27.75
CA ALA L 42 17.67 -10.20 -27.06
C ALA L 42 18.52 -9.40 -26.08
N GLN L 43 18.94 -8.21 -26.48
CA GLN L 43 19.72 -7.34 -25.59
C GLN L 43 18.89 -6.94 -24.37
N LEU L 44 17.64 -6.54 -24.59
CA LEU L 44 16.81 -6.04 -23.50
C LEU L 44 16.66 -7.09 -22.40
N THR L 45 16.56 -8.36 -22.78
CA THR L 45 16.26 -9.43 -21.83
C THR L 45 17.50 -10.18 -21.38
N GLY L 46 18.68 -9.77 -21.80
CA GLY L 46 19.90 -10.44 -21.39
C GLY L 46 20.08 -11.80 -22.02
N MET L 47 19.52 -12.00 -23.21
CA MET L 47 19.57 -13.30 -23.87
C MET L 47 20.97 -13.59 -24.40
N THR L 48 21.40 -14.84 -24.24
CA THR L 48 22.71 -15.27 -24.72
C THR L 48 22.62 -15.58 -26.21
N VAL L 49 23.47 -14.92 -27.00
CA VAL L 49 23.49 -15.10 -28.45
C VAL L 49 24.85 -15.61 -28.86
N THR L 50 24.88 -16.36 -29.96
CA THR L 50 26.13 -16.86 -30.55
C THR L 50 26.28 -16.26 -31.94
N ILE L 51 27.31 -15.45 -32.13
CA ILE L 51 27.62 -14.90 -33.45
C ILE L 51 28.41 -15.93 -34.23
N LYS L 52 27.99 -16.19 -35.47
CA LYS L 52 28.63 -17.15 -36.35
C LYS L 52 29.03 -16.46 -37.64
N SER L 53 30.23 -16.73 -38.14
CA SER L 53 30.62 -16.09 -39.40
C SER L 53 31.91 -16.67 -39.96
N SER L 54 32.11 -16.42 -41.26
CA SER L 54 33.35 -16.77 -41.94
C SER L 54 34.53 -15.98 -41.39
N THR L 55 34.28 -14.77 -40.92
CA THR L 55 35.31 -13.84 -40.48
C THR L 55 34.93 -13.41 -39.06
N CYS L 56 35.72 -13.84 -38.07
CA CYS L 56 35.42 -13.54 -36.68
C CYS L 56 36.35 -12.46 -36.12
N ALA L 57 36.98 -11.68 -36.99
CA ALA L 57 37.76 -10.54 -36.53
C ALA L 57 36.82 -9.44 -36.06
N SER L 58 37.08 -8.92 -34.86
CA SER L 58 36.23 -7.87 -34.30
C SER L 58 36.11 -6.72 -35.28
N GLY L 59 34.87 -6.29 -35.54
CA GLY L 59 34.59 -5.27 -36.52
C GLY L 59 34.10 -5.81 -37.85
N SER L 60 34.10 -7.13 -38.02
CA SER L 60 33.70 -7.74 -39.28
C SER L 60 32.20 -8.04 -39.26
N GLY L 61 31.70 -8.54 -40.39
CA GLY L 61 30.29 -8.78 -40.57
C GLY L 61 29.88 -10.21 -40.29
N PHE L 62 28.58 -10.39 -40.12
CA PHE L 62 28.00 -11.70 -39.90
C PHE L 62 26.58 -11.73 -40.45
N ALA L 63 26.08 -12.94 -40.70
CA ALA L 63 24.68 -13.11 -41.04
C ALA L 63 24.13 -14.44 -40.52
N GLU L 64 24.77 -15.05 -39.53
CA GLU L 64 24.26 -16.23 -38.85
C GLU L 64 24.39 -15.99 -37.35
N VAL L 65 23.28 -16.05 -36.62
CA VAL L 65 23.28 -15.80 -35.19
C VAL L 65 22.26 -16.70 -34.52
N GLN L 66 22.65 -17.34 -33.43
CA GLN L 66 21.79 -18.24 -32.68
C GLN L 66 21.34 -17.57 -31.39
N PHE L 67 20.04 -17.66 -31.11
CA PHE L 67 19.46 -17.14 -29.88
C PHE L 67 19.24 -18.30 -28.93
N ASN L 68 19.96 -18.29 -27.81
CA ASN L 68 19.93 -19.39 -26.86
C ASN L 68 19.16 -19.00 -25.60
N ASN L 69 18.59 -20.00 -24.96
CA ASN L 69 18.04 -19.86 -23.62
C ASN L 69 19.09 -20.04 -22.55
N ASP L 70 20.32 -20.37 -22.95
CA ASP L 70 21.50 -20.58 -22.09
C ASP L 70 21.81 -22.07 -21.99
#